data_8WE4
#
_entry.id   8WE4
#
_cell.length_a   1.00
_cell.length_b   1.00
_cell.length_c   1.00
_cell.angle_alpha   90.00
_cell.angle_beta   90.00
_cell.angle_gamma   90.00
#
_symmetry.space_group_name_H-M   'P 1'
#
loop_
_entity.id
_entity.type
_entity.pdbx_description
1 polymer 'Angiotensin-converting enzyme 2'
2 polymer 'Spike protein S1'
3 polymer 'S304 Fab Heavy Chain'
4 polymer 'S304 Fab Light Chain'
5 branched 2-acetamido-2-deoxy-beta-D-glucopyranose-(1-4)-2-acetamido-2-deoxy-beta-D-glucopyranose
6 branched 2-acetamido-2-deoxy-beta-D-glucopyranose-(1-4)-[alpha-L-fucopyranose-(1-6)]2-acetamido-2-deoxy-beta-D-glucopyranose
7 non-polymer 2-acetamido-2-deoxy-beta-D-glucopyranose
8 non-polymer 'ZINC ION'
#
loop_
_entity_poly.entity_id
_entity_poly.type
_entity_poly.pdbx_seq_one_letter_code
_entity_poly.pdbx_strand_id
1 'polypeptide(L)'
;MSSSSWLLLSLVAVTAAQSTIEEQAKTFLDKFNHEAEDLFYQSSLASWNYNTNITEENVQNMNNAGDKWSAFLKEQSTLA
QMYPLQEIQNLTVKLQLQALQQNGSSVLSEDKSKRLNTILNTMSTIYSTGKVCNPDNPQECLLLEPGLNEIMANSLDYNE
RLWAWESWRSEVGKQLRPLYEEYVVLKNEMARANHYEDYGDYWRGDYEVNGVDGYDYSRGQLIEDVEHTFEEIKPLYEHL
HAYVRAKLMNAYPSYISPIGCLPAHLLGDMWGRFWTNLYSLTVPFGQKPNIDVTDAMVDQAWDAQRIFKEAEKFFVSVGL
PNMTQGFWENSMLTDPGNVQKAVCHPTAWDLGKGDFRILMCTKVTMDDFLTAHHEMGHIQYDMAYAAQPFLLRNGANEGF
HEAVGEIMSLSAATPKHLKSIGLLSPDFQEDNETEINFLLKQALTIVGTLPFTYMLEKWRWMVFKGEIPKDQWMKKWWEM
KREIVGVVEPVPHDETYCDPASLFHVSNDYSFIRYYTRTLYQFQFQEALCQAAKHEGPLHKCDISNSTEAGQKLFNMLRL
GKSEPWTLALENVVGAKNMNVRPLLNYFEPLFTWLKDQNKNSFVGWSTDWSPYADQSIKVRISLKSALGDKAYEWNDNEM
YLFRSSVAYAMRQYFLKVKNQMILFGEEDVRVANLKPRISFNFFVTAPKNVSDIIPRTEVEKAIRMSRSRINDAFRLNDN
SLEFLGIQPTLGPPNQPPVSIWLIVFGVVMGVIVVGIVILIFTGIRDRKKKNKARSGENPYASIDISKGENNPGFQNTDD
VQTSF
;
A
2 'polypeptide(L)'
;RVQPTESIVRFPNITNLCPFHEVFNATTFASVYAWNRKRISNCVADYSVIYNFAPFFAFKCYGVSPTKLNDLCFTNVYAD
SFVIRGNEVSQIAPGQTGNIADYNYKLPDDFTGCVIAWNSNKLDSKPSGNYNYLYRLFRKSKLKPFERDISTEIYQAGNK
PCNGVAGPNCYSPLQSYGFRPTYGVGHQPYRVVVLSFELLHAPATVCGPKKSTNLVKNKCVNF
;
B
3 'polypeptide(L)'
;VQLVESGGGLVQPGGSLRLSCAASGFTFSSYDMHWVRQTTGKGLEWVSTIGTAGDTYYPDSVKGRFTISREDAKNSLYLQ
MNSLRAGDTAVYYCARGDSSGYYYYFDYWGQGTLLTVSSASTKGPSVFPLAPSSKSTSGGTAALGCLVKDYFPEPVTVSW
NSGALTSGVHTFPAVLQSSGLYSLSSVVTVPSSSLGTQTYICNVNHKPSNTKVDKRVEPKSCDKTHTCPPC
;
H
4 'polypeptide(L)'
;DIEMTQSPSSLSAAVGDRVTITCRASQSIGSYLNWYQQKPGKAPKLLIYAASSLQSGVPSRFSGSGSGTDFTLTISSLQP
EDFAIYYCQQSYVSPTYTFGPGTKVDIKRTVAAPSVFIFPPSDEQLKSGTASVVCLLNNFYPREAKVQWKVDNALQSGNS
QESVTEQDSKDSTYSLSSTLTLSKADYEKHKVYACEVTHQGLSSPVTKSFNRGECS
;
L
#
# COMPACT_ATOMS: atom_id res chain seq x y z
N SER A 19 -2.75 -35.27 15.01
CA SER A 19 -2.39 -33.95 14.48
C SER A 19 -1.24 -33.36 15.28
N THR A 20 -0.89 -32.11 14.97
CA THR A 20 0.21 -31.42 15.63
C THR A 20 -0.23 -30.00 15.97
N ILE A 21 0.35 -29.46 17.05
CA ILE A 21 0.03 -28.10 17.46
C ILE A 21 0.43 -27.08 16.42
N GLU A 22 1.39 -27.43 15.56
CA GLU A 22 1.80 -26.52 14.49
C GLU A 22 0.64 -26.20 13.56
N GLU A 23 -0.13 -27.21 13.18
CA GLU A 23 -1.27 -27.03 12.27
C GLU A 23 -2.58 -26.77 13.00
N GLN A 24 -2.59 -26.76 14.32
CA GLN A 24 -3.85 -26.44 15.06
C GLN A 24 -3.93 -24.94 15.28
N ALA A 25 -2.89 -24.19 14.96
CA ALA A 25 -2.96 -22.74 15.03
C ALA A 25 -3.32 -22.11 13.69
N LYS A 26 -2.90 -22.71 12.58
CA LYS A 26 -3.26 -22.18 11.27
C LYS A 26 -4.76 -22.26 11.03
N THR A 27 -5.38 -23.39 11.38
CA THR A 27 -6.81 -23.55 11.16
C THR A 27 -7.63 -22.62 12.03
N PHE A 28 -7.04 -22.08 13.10
CA PHE A 28 -7.73 -21.11 13.94
C PHE A 28 -7.62 -19.70 13.39
N LEU A 29 -6.43 -19.30 12.95
CA LEU A 29 -6.21 -17.98 12.37
C LEU A 29 -6.87 -17.83 11.00
N ASP A 30 -6.98 -18.91 10.22
CA ASP A 30 -7.69 -18.85 8.95
C ASP A 30 -9.17 -18.52 9.13
N LYS A 31 -9.80 -19.07 10.16
CA LYS A 31 -11.21 -18.71 10.50
C LYS A 31 -11.27 -17.32 11.12
N PHE A 32 -10.30 -16.97 11.93
CA PHE A 32 -10.27 -15.64 12.52
C PHE A 32 -10.18 -14.52 11.49
N ASN A 33 -9.34 -14.67 10.47
CA ASN A 33 -9.11 -13.63 9.47
C ASN A 33 -10.31 -13.39 8.58
N HIS A 34 -11.25 -14.33 8.49
CA HIS A 34 -12.47 -14.13 7.73
CA HIS A 34 -12.52 -14.13 7.72
C HIS A 34 -13.72 -13.58 8.52
N GLU A 35 -13.72 -13.90 9.82
CA GLU A 35 -14.75 -13.36 10.68
C GLU A 35 -14.35 -12.04 11.31
N ALA A 36 -13.10 -11.61 11.16
CA ALA A 36 -12.66 -10.31 11.64
C ALA A 36 -12.85 -9.20 10.63
N GLU A 37 -12.64 -9.49 9.34
CA GLU A 37 -12.71 -8.44 8.32
C GLU A 37 -14.10 -7.84 8.22
N ASP A 38 -15.13 -8.71 8.24
CA ASP A 38 -16.55 -8.29 8.14
C ASP A 38 -16.97 -7.43 9.33
N LEU A 39 -16.60 -7.81 10.55
CA LEU A 39 -16.92 -7.07 11.76
C LEU A 39 -16.06 -5.81 11.92
N PHE A 40 -14.91 -5.75 11.26
CA PHE A 40 -14.14 -4.51 11.25
C PHE A 40 -14.67 -3.52 10.22
N TYR A 41 -15.07 -4.01 9.04
CA TYR A 41 -15.62 -3.13 8.02
C TYR A 41 -16.92 -2.50 8.48
N GLN A 42 -17.78 -3.26 9.15
CA GLN A 42 -19.03 -2.70 9.63
C GLN A 42 -18.78 -1.56 10.60
N SER A 43 -17.85 -1.75 11.53
CA SER A 43 -17.52 -0.71 12.51
C SER A 43 -16.91 0.50 11.83
N SER A 44 -16.02 0.30 10.86
CA SER A 44 -15.40 1.42 10.18
C SER A 44 -16.43 2.23 9.40
N LEU A 45 -17.36 1.54 8.72
CA LEU A 45 -18.40 2.25 8.00
C LEU A 45 -19.32 3.02 8.93
N ALA A 46 -19.63 2.43 10.10
CA ALA A 46 -20.44 3.14 11.09
C ALA A 46 -19.72 4.40 11.57
N SER A 47 -18.42 4.29 11.84
CA SER A 47 -17.65 5.45 12.28
C SER A 47 -17.60 6.54 11.22
N TRP A 48 -17.42 6.15 9.96
CA TRP A 48 -17.42 7.13 8.87
C TRP A 48 -18.77 7.82 8.75
N ASN A 49 -19.85 7.05 8.85
CA ASN A 49 -21.18 7.64 8.78
C ASN A 49 -21.42 8.61 9.92
N TYR A 50 -20.94 8.27 11.12
CA TYR A 50 -21.08 9.19 12.24
C TYR A 50 -20.23 10.45 12.05
N ASN A 51 -19.07 10.33 11.41
CA ASN A 51 -18.25 11.51 11.17
C ASN A 51 -18.74 12.34 9.98
N THR A 52 -19.65 11.80 9.16
CA THR A 52 -20.25 12.59 8.10
C THR A 52 -21.49 13.34 8.59
N ASN A 53 -22.50 12.64 9.10
CA ASN A 53 -23.58 13.24 9.86
C ASN A 53 -23.38 13.00 11.34
N ILE A 54 -23.52 14.06 12.13
CA ILE A 54 -23.58 13.94 13.59
C ILE A 54 -25.05 13.95 13.97
N THR A 55 -25.64 12.76 14.07
CA THR A 55 -27.04 12.60 14.45
C THR A 55 -27.17 11.63 15.61
N GLU A 56 -28.39 11.19 15.91
CA GLU A 56 -28.61 10.25 17.00
C GLU A 56 -28.62 8.79 16.56
N GLU A 57 -29.15 8.49 15.37
CA GLU A 57 -29.13 7.11 14.89
C GLU A 57 -27.71 6.65 14.61
N ASN A 58 -26.88 7.55 14.09
CA ASN A 58 -25.50 7.19 13.76
C ASN A 58 -24.73 6.77 15.00
N VAL A 59 -24.96 7.44 16.13
CA VAL A 59 -24.28 7.07 17.36
C VAL A 59 -24.69 5.66 17.78
N GLN A 60 -25.97 5.34 17.67
CA GLN A 60 -26.43 4.00 18.05
C GLN A 60 -25.81 2.93 17.16
N ASN A 61 -25.77 3.18 15.85
CA ASN A 61 -25.16 2.20 14.95
C ASN A 61 -23.67 2.02 15.26
N MET A 62 -22.96 3.12 15.49
CA MET A 62 -21.55 3.04 15.83
C MET A 62 -21.33 2.25 17.12
N ASN A 63 -22.15 2.52 18.14
CA ASN A 63 -22.02 1.81 19.40
C ASN A 63 -22.28 0.31 19.24
N ASN A 64 -23.32 -0.05 18.47
CA ASN A 64 -23.62 -1.46 18.29
C ASN A 64 -22.48 -2.17 17.56
N ALA A 65 -21.96 -1.56 16.50
CA ALA A 65 -20.86 -2.19 15.77
C ALA A 65 -19.62 -2.33 16.66
N GLY A 66 -19.30 -1.30 17.43
CA GLY A 66 -18.15 -1.39 18.31
C GLY A 66 -18.31 -2.45 19.39
N ASP A 67 -19.52 -2.56 19.94
CA ASP A 67 -19.77 -3.59 20.94
C ASP A 67 -19.60 -4.98 20.36
N LYS A 68 -20.12 -5.21 19.15
CA LYS A 68 -19.93 -6.51 18.52
C LYS A 68 -18.47 -6.81 18.27
N TRP A 69 -17.71 -5.81 17.79
CA TRP A 69 -16.29 -6.03 17.52
C TRP A 69 -15.52 -6.35 18.80
N SER A 70 -15.79 -5.62 19.88
CA SER A 70 -15.11 -5.88 21.14
C SER A 70 -15.47 -7.27 21.69
N ALA A 71 -16.74 -7.66 21.60
CA ALA A 71 -17.12 -8.98 22.07
C ALA A 71 -16.42 -10.07 21.28
N PHE A 72 -16.34 -9.91 19.96
CA PHE A 72 -15.64 -10.90 19.13
C PHE A 72 -14.17 -11.00 19.50
N LEU A 73 -13.51 -9.85 19.69
CA LEU A 73 -12.10 -9.87 20.07
C LEU A 73 -11.90 -10.55 21.42
N LYS A 74 -12.76 -10.26 22.39
CA LYS A 74 -12.62 -10.89 23.70
C LYS A 74 -12.82 -12.39 23.61
N GLU A 75 -13.83 -12.84 22.87
CA GLU A 75 -14.07 -14.27 22.74
C GLU A 75 -12.89 -14.98 22.09
N GLN A 76 -12.34 -14.38 21.02
CA GLN A 76 -11.22 -15.04 20.35
C GLN A 76 -9.95 -15.00 21.20
N SER A 77 -9.72 -13.94 21.96
CA SER A 77 -8.57 -13.90 22.86
C SER A 77 -8.69 -14.96 23.95
N THR A 78 -9.90 -15.17 24.49
CA THR A 78 -10.07 -16.24 25.46
C THR A 78 -9.89 -17.61 24.83
N LEU A 79 -10.34 -17.78 23.57
CA LEU A 79 -10.26 -19.09 22.94
C LEU A 79 -8.82 -19.43 22.53
N ALA A 80 -8.04 -18.43 22.13
CA ALA A 80 -6.74 -18.67 21.50
C ALA A 80 -5.68 -19.14 22.48
N GLN A 81 -5.94 -19.13 23.78
CA GLN A 81 -4.91 -19.43 24.77
C GLN A 81 -4.50 -20.90 24.79
N MET A 82 -5.23 -21.78 24.09
CA MET A 82 -4.96 -23.20 24.18
C MET A 82 -3.75 -23.65 23.37
N TYR A 83 -3.11 -22.75 22.61
CA TYR A 83 -1.97 -23.16 21.74
C TYR A 83 -0.68 -22.58 22.31
N PRO A 84 0.17 -23.33 23.04
CA PRO A 84 1.36 -22.79 23.69
C PRO A 84 2.30 -22.13 22.69
N LEU A 85 3.02 -21.11 23.17
CA LEU A 85 3.93 -20.37 22.31
C LEU A 85 5.21 -21.14 22.02
N GLN A 86 5.67 -21.97 22.96
CA GLN A 86 6.95 -22.65 22.78
C GLN A 86 6.88 -23.77 21.75
N GLU A 87 5.70 -24.29 21.45
CA GLU A 87 5.55 -25.41 20.53
C GLU A 87 5.29 -24.97 19.10
N ILE A 88 5.17 -23.68 18.85
CA ILE A 88 4.86 -23.14 17.53
C ILE A 88 6.09 -22.39 17.02
N GLN A 89 6.47 -22.65 15.77
CA GLN A 89 7.68 -22.03 15.21
C GLN A 89 7.49 -21.84 13.70
N ASN A 90 7.01 -20.65 13.33
CA ASN A 90 7.10 -20.20 11.95
C ASN A 90 7.48 -18.74 11.82
N LEU A 91 7.44 -17.94 12.89
CA LEU A 91 7.73 -16.51 12.91
C LEU A 91 6.71 -15.69 12.13
N THR A 92 5.67 -16.33 11.59
CA THR A 92 4.54 -15.61 11.00
C THR A 92 3.25 -15.89 11.76
N VAL A 93 2.96 -17.15 12.08
CA VAL A 93 1.85 -17.48 12.95
C VAL A 93 2.14 -17.03 14.38
N LYS A 94 3.41 -17.03 14.78
CA LYS A 94 3.76 -16.65 16.14
C LYS A 94 3.39 -15.20 16.44
N LEU A 95 3.61 -14.31 15.47
CA LEU A 95 3.26 -12.91 15.68
C LEU A 95 1.76 -12.73 15.87
N GLN A 96 0.96 -13.43 15.06
CA GLN A 96 -0.49 -13.34 15.21
C GLN A 96 -0.95 -13.90 16.55
N LEU A 97 -0.33 -14.99 17.00
CA LEU A 97 -0.65 -15.51 18.33
C LEU A 97 -0.27 -14.50 19.42
N GLN A 98 0.87 -13.85 19.28
CA GLN A 98 1.26 -12.81 20.23
C GLN A 98 0.21 -11.71 20.28
N ALA A 99 -0.28 -11.29 19.10
CA ALA A 99 -1.31 -10.26 19.06
C ALA A 99 -2.60 -10.74 19.72
N LEU A 100 -2.96 -12.01 19.52
CA LEU A 100 -4.25 -12.50 20.00
C LEU A 100 -4.21 -12.98 21.45
N GLN A 101 -3.06 -13.44 21.93
CA GLN A 101 -3.00 -14.05 23.25
C GLN A 101 -2.81 -13.03 24.37
N GLN A 102 -2.71 -11.74 24.06
CA GLN A 102 -2.56 -10.74 25.12
C GLN A 102 -3.86 -10.66 25.93
N ASN A 103 -3.77 -11.00 27.21
CA ASN A 103 -4.93 -10.91 28.09
C ASN A 103 -5.39 -9.46 28.25
N GLY A 104 -4.44 -8.54 28.40
CA GLY A 104 -4.81 -7.16 28.62
C GLY A 104 -5.37 -6.96 30.03
N SER A 105 -6.36 -6.08 30.14
CA SER A 105 -6.98 -5.80 31.43
C SER A 105 -8.08 -6.80 31.75
N SER A 106 -7.74 -8.09 31.68
CA SER A 106 -8.68 -9.15 31.97
C SER A 106 -8.22 -10.11 33.06
N VAL A 107 -6.93 -10.13 33.39
CA VAL A 107 -6.47 -10.99 34.48
C VAL A 107 -6.95 -10.48 35.83
N LEU A 108 -7.10 -9.17 35.99
CA LEU A 108 -7.51 -8.59 37.25
C LEU A 108 -8.90 -9.07 37.65
N SER A 109 -9.23 -8.88 38.93
CA SER A 109 -10.55 -9.25 39.42
C SER A 109 -11.61 -8.35 38.79
N GLU A 110 -12.84 -8.86 38.78
CA GLU A 110 -13.94 -8.14 38.13
C GLU A 110 -14.21 -6.80 38.81
N ASP A 111 -13.91 -6.69 40.10
CA ASP A 111 -14.15 -5.45 40.83
C ASP A 111 -13.05 -4.42 40.62
N LYS A 112 -11.95 -4.79 39.95
CA LYS A 112 -10.85 -3.86 39.69
C LYS A 112 -10.86 -3.32 38.27
N SER A 113 -11.30 -4.11 37.30
CA SER A 113 -11.39 -3.62 35.93
C SER A 113 -12.39 -2.47 35.83
N LYS A 114 -13.53 -2.59 36.52
CA LYS A 114 -14.51 -1.51 36.52
C LYS A 114 -13.93 -0.25 37.15
N ARG A 115 -13.16 -0.40 38.22
CA ARG A 115 -12.56 0.77 38.86
C ARG A 115 -11.54 1.42 37.93
N LEU A 116 -10.73 0.62 37.24
CA LEU A 116 -9.77 1.18 36.30
C LEU A 116 -10.47 1.93 35.16
N ASN A 117 -11.55 1.34 34.62
CA ASN A 117 -12.29 2.02 33.56
C ASN A 117 -12.93 3.31 34.08
N THR A 118 -13.43 3.29 35.32
CA THR A 118 -13.99 4.51 35.90
C THR A 118 -12.93 5.59 36.04
N ILE A 119 -11.72 5.22 36.47
CA ILE A 119 -10.64 6.18 36.60
C ILE A 119 -10.29 6.76 35.23
N LEU A 120 -10.21 5.91 34.21
CA LEU A 120 -9.89 6.40 32.87
C LEU A 120 -10.96 7.36 32.36
N ASN A 121 -12.23 7.02 32.55
CA ASN A 121 -13.31 7.90 32.11
C ASN A 121 -13.31 9.21 32.89
N THR A 122 -12.99 9.15 34.18
CA THR A 122 -12.91 10.37 34.98
C THR A 122 -11.79 11.27 34.47
N MET A 123 -10.62 10.71 34.15
CA MET A 123 -9.55 11.51 33.58
C MET A 123 -9.97 12.14 32.27
N SER A 124 -10.61 11.36 31.39
CA SER A 124 -11.01 11.88 30.09
C SER A 124 -12.01 13.03 30.26
N THR A 125 -13.00 12.85 31.13
CA THR A 125 -13.99 13.90 31.35
C THR A 125 -13.36 15.14 31.98
N ILE A 126 -12.45 14.95 32.93
CA ILE A 126 -11.83 16.10 33.59
C ILE A 126 -11.00 16.90 32.60
N TYR A 127 -10.21 16.23 31.76
CA TYR A 127 -9.42 16.97 30.78
C TYR A 127 -10.31 17.64 29.74
N SER A 128 -11.33 16.92 29.25
CA SER A 128 -12.19 17.48 28.20
C SER A 128 -12.98 18.68 28.71
N THR A 129 -13.49 18.60 29.94
CA THR A 129 -14.30 19.67 30.51
C THR A 129 -13.40 20.54 31.39
N GLY A 130 -12.58 21.35 30.74
CA GLY A 130 -11.71 22.28 31.43
C GLY A 130 -12.33 23.67 31.49
N LYS A 131 -12.05 24.38 32.57
CA LYS A 131 -12.67 25.69 32.78
C LYS A 131 -11.87 26.44 33.83
N VAL A 132 -11.30 27.58 33.46
CA VAL A 132 -10.54 28.40 34.39
C VAL A 132 -11.37 29.55 34.94
N CYS A 133 -12.15 30.21 34.08
CA CYS A 133 -13.16 31.20 34.46
C CYS A 133 -12.56 32.51 34.97
N ASN A 134 -11.23 32.55 35.17
CA ASN A 134 -10.49 33.76 35.54
C ASN A 134 -10.89 34.25 36.93
N PRO A 135 -9.93 34.55 37.81
CA PRO A 135 -10.28 35.14 39.10
C PRO A 135 -10.85 36.54 38.95
N ASP A 136 -12.06 36.63 38.41
CA ASP A 136 -12.77 37.88 38.17
C ASP A 136 -14.25 37.56 38.10
N ASN A 137 -15.03 38.48 37.52
CA ASN A 137 -16.44 38.26 37.23
C ASN A 137 -16.63 36.87 36.61
N PRO A 138 -17.34 35.97 37.29
CA PRO A 138 -17.38 34.57 36.83
C PRO A 138 -18.24 34.35 35.59
N GLN A 139 -18.68 35.42 34.95
CA GLN A 139 -19.44 35.33 33.71
C GLN A 139 -18.54 35.24 32.48
N GLU A 140 -17.23 35.28 32.66
CA GLU A 140 -16.26 35.21 31.56
C GLU A 140 -15.38 33.98 31.80
N CYS A 141 -15.80 32.84 31.29
CA CYS A 141 -15.09 31.58 31.44
C CYS A 141 -14.54 31.17 30.08
N LEU A 142 -13.24 30.90 30.02
CA LEU A 142 -12.56 30.48 28.80
C LEU A 142 -12.05 29.06 28.97
N LEU A 143 -12.36 28.19 28.02
CA LEU A 143 -11.92 26.81 28.06
C LEU A 143 -10.64 26.66 27.24
N LEU A 144 -10.21 25.41 27.03
CA LEU A 144 -8.91 25.15 26.42
C LEU A 144 -8.93 25.39 24.91
N GLU A 145 -9.74 24.63 24.18
CA GLU A 145 -9.79 24.70 22.72
C GLU A 145 -11.17 25.15 22.25
N PRO A 146 -11.34 26.42 21.83
CA PRO A 146 -10.30 27.46 21.79
C PRO A 146 -10.19 28.20 23.12
N GLY A 147 -9.61 29.39 23.11
CA GLY A 147 -9.35 30.09 24.34
C GLY A 147 -7.91 29.98 24.81
N LEU A 148 -7.63 29.03 25.70
CA LEU A 148 -6.29 28.88 26.25
C LEU A 148 -5.26 28.61 25.15
N ASN A 149 -5.61 27.77 24.18
CA ASN A 149 -4.70 27.55 23.06
C ASN A 149 -4.49 28.83 22.27
N GLU A 150 -5.54 29.63 22.09
CA GLU A 150 -5.40 30.90 21.41
C GLU A 150 -4.51 31.86 22.19
N ILE A 151 -4.67 31.92 23.52
CA ILE A 151 -3.91 32.88 24.30
C ILE A 151 -2.45 32.47 24.39
N MET A 152 -2.17 31.17 24.30
CA MET A 152 -0.77 30.74 24.27
C MET A 152 -0.13 30.84 22.89
N ALA A 153 -0.92 31.10 21.84
CA ALA A 153 -0.39 31.10 20.48
C ALA A 153 -0.10 32.51 19.96
N ASN A 154 -1.03 33.44 20.16
CA ASN A 154 -0.91 34.77 19.56
C ASN A 154 -0.91 35.87 20.60
N SER A 155 -0.17 35.71 21.69
CA SER A 155 -0.11 36.71 22.74
C SER A 155 1.34 37.06 23.06
N LEU A 156 1.55 38.31 23.46
CA LEU A 156 2.87 38.80 23.82
C LEU A 156 3.00 39.22 25.27
N ASP A 157 1.89 39.29 26.01
CA ASP A 157 1.96 39.69 27.41
C ASP A 157 2.64 38.61 28.25
N TYR A 158 3.38 39.07 29.26
CA TYR A 158 4.06 38.15 30.17
C TYR A 158 3.14 37.69 31.30
N ASN A 159 2.56 38.65 32.02
CA ASN A 159 1.72 38.31 33.16
C ASN A 159 0.49 37.51 32.73
N GLU A 160 -0.11 37.87 31.60
CA GLU A 160 -1.30 37.18 31.14
C GLU A 160 -0.98 35.72 30.79
N ARG A 161 0.13 35.50 30.08
CA ARG A 161 0.53 34.14 29.75
C ARG A 161 0.84 33.34 31.01
N LEU A 162 1.53 33.95 31.98
CA LEU A 162 1.83 33.24 33.22
C LEU A 162 0.54 32.88 33.95
N TRP A 163 -0.41 33.81 33.99
CA TRP A 163 -1.68 33.54 34.66
C TRP A 163 -2.41 32.37 34.02
N ALA A 164 -2.48 32.36 32.69
CA ALA A 164 -3.17 31.26 32.02
C ALA A 164 -2.46 29.94 32.25
N TRP A 165 -1.13 29.95 32.18
CA TRP A 165 -0.36 28.73 32.37
C TRP A 165 -0.56 28.16 33.77
N GLU A 166 -0.53 29.01 34.79
CA GLU A 166 -0.74 28.53 36.15
C GLU A 166 -2.19 28.11 36.38
N SER A 167 -3.14 28.85 35.80
CA SER A 167 -4.54 28.60 36.07
C SER A 167 -4.99 27.27 35.49
N TRP A 168 -4.49 26.90 34.30
CA TRP A 168 -4.90 25.63 33.72
C TRP A 168 -4.48 24.45 34.59
N ARG A 169 -3.25 24.47 35.09
CA ARG A 169 -2.76 23.38 35.92
C ARG A 169 -3.09 23.55 37.39
N SER A 170 -3.77 24.63 37.77
CA SER A 170 -4.23 24.75 39.15
C SER A 170 -5.52 23.98 39.36
N GLU A 171 -6.58 24.35 38.63
CA GLU A 171 -7.87 23.67 38.80
C GLU A 171 -7.82 22.24 38.28
N VAL A 172 -7.33 22.05 37.06
CA VAL A 172 -7.34 20.71 36.45
C VAL A 172 -6.31 19.81 37.12
N GLY A 173 -5.10 20.33 37.35
CA GLY A 173 -4.03 19.48 37.87
C GLY A 173 -4.31 18.94 39.25
N LYS A 174 -4.88 19.77 40.13
CA LYS A 174 -5.16 19.33 41.50
C LYS A 174 -6.15 18.17 41.53
N GLN A 175 -7.18 18.22 40.69
CA GLN A 175 -8.22 17.21 40.68
C GLN A 175 -7.90 16.04 39.74
N LEU A 176 -6.64 15.87 39.36
CA LEU A 176 -6.25 14.76 38.50
C LEU A 176 -5.15 13.87 39.06
N ARG A 177 -4.38 14.33 40.03
CA ARG A 177 -3.29 13.52 40.57
C ARG A 177 -3.77 12.45 41.56
N PRO A 178 -4.66 12.74 42.51
CA PRO A 178 -5.04 11.70 43.48
C PRO A 178 -5.56 10.43 42.85
N LEU A 179 -6.22 10.53 41.70
CA LEU A 179 -6.71 9.37 40.98
C LEU A 179 -5.75 8.90 39.90
N TYR A 180 -4.53 9.45 39.86
CA TYR A 180 -3.47 8.94 39.01
C TYR A 180 -2.63 7.88 39.71
N GLU A 181 -2.48 7.99 41.04
CA GLU A 181 -1.72 6.99 41.78
C GLU A 181 -2.37 5.62 41.69
N GLU A 182 -3.69 5.56 41.86
CA GLU A 182 -4.38 4.28 41.76
C GLU A 182 -4.32 3.74 40.35
N TYR A 183 -4.37 4.62 39.36
CA TYR A 183 -4.18 4.22 37.97
C TYR A 183 -2.84 3.53 37.78
N VAL A 184 -1.78 4.13 38.33
CA VAL A 184 -0.44 3.56 38.20
C VAL A 184 -0.39 2.20 38.88
N VAL A 185 -0.94 2.11 40.10
CA VAL A 185 -0.88 0.86 40.85
C VAL A 185 -1.62 -0.25 40.11
N LEU A 186 -2.83 0.03 39.63
CA LEU A 186 -3.61 -1.00 38.95
C LEU A 186 -2.95 -1.42 37.63
N LYS A 187 -2.41 -0.47 36.87
CA LYS A 187 -1.79 -0.86 35.62
C LYS A 187 -0.49 -1.60 35.83
N ASN A 188 0.27 -1.26 36.88
CA ASN A 188 1.44 -2.07 37.22
C ASN A 188 1.03 -3.48 37.62
N GLU A 189 -0.05 -3.62 38.39
CA GLU A 189 -0.51 -4.95 38.77
C GLU A 189 -0.92 -5.76 37.54
N MET A 190 -1.61 -5.12 36.59
CA MET A 190 -1.96 -5.79 35.35
C MET A 190 -0.70 -6.20 34.57
N ALA A 191 0.31 -5.33 34.56
CA ALA A 191 1.55 -5.66 33.88
C ALA A 191 2.24 -6.87 34.49
N ARG A 192 2.31 -6.93 35.82
CA ARG A 192 2.85 -8.12 36.46
C ARG A 192 2.01 -9.34 36.14
N ALA A 193 0.69 -9.18 36.11
CA ALA A 193 -0.19 -10.30 35.81
C ALA A 193 0.04 -10.84 34.41
N ASN A 194 0.38 -9.98 33.46
CA ASN A 194 0.69 -10.41 32.10
C ASN A 194 2.13 -10.89 31.93
N HIS A 195 2.79 -11.25 33.03
CA HIS A 195 4.14 -11.80 33.01
C HIS A 195 5.16 -10.83 32.44
N TYR A 196 4.98 -9.54 32.69
CA TYR A 196 5.91 -8.50 32.28
C TYR A 196 6.60 -7.92 33.50
N GLU A 197 7.51 -6.97 33.25
CA GLU A 197 8.27 -6.35 34.33
C GLU A 197 7.53 -5.15 34.92
N ASP A 198 7.16 -4.19 34.07
CA ASP A 198 6.42 -3.01 34.47
C ASP A 198 5.43 -2.66 33.37
N TYR A 199 4.63 -1.62 33.61
CA TYR A 199 3.73 -1.16 32.54
C TYR A 199 4.50 -0.42 31.46
N GLY A 200 5.61 0.24 31.81
CA GLY A 200 6.46 0.81 30.77
C GLY A 200 7.09 -0.26 29.90
N ASP A 201 7.49 -1.38 30.52
CA ASP A 201 8.00 -2.50 29.74
C ASP A 201 6.93 -3.05 28.81
N TYR A 202 5.66 -2.92 29.18
CA TYR A 202 4.57 -3.27 28.28
C TYR A 202 4.58 -2.39 27.04
N TRP A 203 4.82 -1.08 27.23
CA TRP A 203 4.80 -0.16 26.09
C TRP A 203 6.05 -0.30 25.22
N ARG A 204 7.18 -0.66 25.80
CA ARG A 204 8.34 -0.97 24.97
C ARG A 204 8.26 -2.41 24.49
N GLY A 205 7.11 -2.78 23.93
CA GLY A 205 6.88 -4.14 23.51
C GLY A 205 6.73 -4.24 22.01
N ASP A 206 6.34 -3.14 21.37
CA ASP A 206 6.29 -3.10 19.92
C ASP A 206 7.67 -2.89 19.30
N TYR A 207 8.70 -2.66 20.12
CA TYR A 207 10.09 -2.64 19.68
C TYR A 207 10.82 -3.90 20.14
N GLU A 208 10.14 -5.03 20.13
CA GLU A 208 10.73 -6.30 20.55
C GLU A 208 10.60 -7.32 19.42
N VAL A 209 11.69 -7.99 19.11
CA VAL A 209 11.68 -9.11 18.17
C VAL A 209 12.58 -10.21 18.71
N ASN A 210 12.09 -11.45 18.66
CA ASN A 210 12.83 -12.62 19.08
C ASN A 210 12.71 -13.70 18.01
N GLY A 211 13.78 -14.48 17.86
CA GLY A 211 13.73 -15.66 17.00
C GLY A 211 14.60 -15.58 15.77
N VAL A 212 14.63 -14.43 15.10
CA VAL A 212 15.41 -14.26 13.89
C VAL A 212 16.83 -13.88 14.29
N ASP A 213 17.79 -14.76 13.98
CA ASP A 213 19.17 -14.55 14.40
C ASP A 213 19.76 -13.33 13.70
N GLY A 214 20.45 -12.49 14.47
CA GLY A 214 21.10 -11.31 13.95
C GLY A 214 20.22 -10.09 13.84
N TYR A 215 18.92 -10.22 14.10
CA TYR A 215 17.99 -9.11 14.00
C TYR A 215 17.25 -8.85 15.31
N ASP A 216 17.65 -9.51 16.40
CA ASP A 216 16.97 -9.35 17.67
C ASP A 216 17.11 -7.93 18.19
N TYR A 217 16.12 -7.49 18.97
CA TYR A 217 16.16 -6.16 19.57
C TYR A 217 15.36 -6.24 20.86
N SER A 218 16.06 -6.40 21.98
CA SER A 218 15.39 -6.60 23.25
C SER A 218 14.70 -5.33 23.73
N ARG A 219 13.80 -5.50 24.70
CA ARG A 219 13.03 -4.37 25.21
C ARG A 219 13.92 -3.35 25.89
N GLY A 220 14.90 -3.82 26.66
CA GLY A 220 15.80 -2.89 27.34
C GLY A 220 16.75 -2.17 26.40
N GLN A 221 17.03 -2.74 25.23
CA GLN A 221 17.96 -2.11 24.31
C GLN A 221 17.44 -0.76 23.83
N LEU A 222 16.12 -0.57 23.81
CA LEU A 222 15.57 0.74 23.50
C LEU A 222 16.04 1.77 24.52
N ILE A 223 16.04 1.41 25.80
CA ILE A 223 16.55 2.26 26.87
C ILE A 223 18.01 2.64 26.64
N GLU A 224 18.66 2.07 25.62
CA GLU A 224 19.95 2.54 25.17
C GLU A 224 19.85 3.44 23.95
N ASP A 225 19.13 2.99 22.92
CA ASP A 225 19.17 3.68 21.63
C ASP A 225 18.69 5.12 21.74
N VAL A 226 17.56 5.33 22.41
CA VAL A 226 17.02 6.67 22.56
C VAL A 226 18.01 7.55 23.32
N GLU A 227 18.73 6.97 24.26
CA GLU A 227 19.75 7.67 25.03
C GLU A 227 21.13 7.61 24.39
N HIS A 228 21.25 6.97 23.23
CA HIS A 228 22.50 6.99 22.47
C HIS A 228 22.44 7.89 21.25
N THR A 229 21.28 7.98 20.59
CA THR A 229 21.10 8.89 19.48
C THR A 229 20.82 10.32 19.92
N PHE A 230 20.46 10.53 21.19
CA PHE A 230 20.18 11.86 21.70
C PHE A 230 21.44 12.60 22.15
N GLU A 231 22.55 11.87 22.37
CA GLU A 231 23.77 12.52 22.83
C GLU A 231 24.33 13.47 21.77
N GLU A 232 24.30 13.05 20.50
CA GLU A 232 24.87 13.85 19.42
C GLU A 232 23.87 14.81 18.78
N ILE A 233 22.61 14.83 19.24
CA ILE A 233 21.71 15.93 18.87
C ILE A 233 21.89 17.12 19.79
N LYS A 234 22.59 16.94 20.92
CA LYS A 234 22.79 18.04 21.85
C LYS A 234 23.43 19.28 21.24
N PRO A 235 24.45 19.19 20.35
CA PRO A 235 25.02 20.43 19.80
C PRO A 235 24.04 21.25 18.98
N LEU A 236 23.31 20.61 18.06
CA LEU A 236 22.38 21.35 17.21
C LEU A 236 21.28 22.00 18.03
N TYR A 237 20.69 21.23 18.95
CA TYR A 237 19.63 21.79 19.78
C TYR A 237 20.18 22.85 20.73
N GLU A 238 21.42 22.71 21.19
CA GLU A 238 22.00 23.73 22.05
C GLU A 238 22.17 25.05 21.30
N HIS A 239 22.65 24.98 20.06
CA HIS A 239 22.80 26.21 19.27
C HIS A 239 21.44 26.81 18.93
N LEU A 240 20.45 25.97 18.59
CA LEU A 240 19.11 26.47 18.34
C LEU A 240 18.52 27.13 19.57
N HIS A 241 18.74 26.52 20.75
CA HIS A 241 18.27 27.09 22.00
C HIS A 241 18.92 28.44 22.26
N ALA A 242 20.23 28.54 22.00
CA ALA A 242 20.92 29.82 22.20
C ALA A 242 20.37 30.89 21.26
N TYR A 243 20.13 30.55 19.99
CA TYR A 243 19.58 31.53 19.06
C TYR A 243 18.19 31.97 19.47
N VAL A 244 17.34 31.02 19.88
CA VAL A 244 15.98 31.37 20.28
C VAL A 244 16.00 32.26 21.51
N ARG A 245 16.86 31.95 22.48
CA ARG A 245 16.97 32.79 23.67
C ARG A 245 17.45 34.19 23.32
N ALA A 246 18.45 34.29 22.43
CA ALA A 246 18.95 35.61 22.04
C ALA A 246 17.87 36.42 21.32
N LYS A 247 17.09 35.77 20.46
CA LYS A 247 16.04 36.48 19.73
C LYS A 247 14.81 36.77 20.58
N LEU A 248 14.65 36.07 21.71
CA LEU A 248 13.58 36.38 22.65
C LEU A 248 14.01 37.36 23.72
N MET A 249 15.31 37.65 23.82
CA MET A 249 15.76 38.69 24.75
C MET A 249 15.03 40.01 24.52
N ASN A 250 14.96 40.45 23.27
CA ASN A 250 14.38 41.76 22.98
C ASN A 250 12.86 41.76 23.11
N ALA A 251 12.22 40.61 22.83
CA ALA A 251 10.77 40.52 22.98
C ALA A 251 10.34 40.71 24.44
N TYR A 252 11.06 40.07 25.36
CA TYR A 252 10.82 40.20 26.80
C TYR A 252 12.13 40.65 27.43
N PRO A 253 12.39 41.96 27.49
CA PRO A 253 13.70 42.44 27.93
C PRO A 253 14.11 41.97 29.31
N SER A 254 13.35 42.33 30.34
CA SER A 254 13.70 41.97 31.72
C SER A 254 12.92 40.74 32.17
N TYR A 255 13.03 39.67 31.40
CA TYR A 255 12.39 38.41 31.78
C TYR A 255 13.24 37.17 31.57
N ILE A 256 14.24 37.18 30.70
CA ILE A 256 15.09 36.03 30.44
C ILE A 256 16.55 36.46 30.56
N SER A 257 17.36 35.67 31.26
CA SER A 257 18.77 35.94 31.42
C SER A 257 19.58 35.15 30.39
N PRO A 258 20.66 35.74 29.87
CA PRO A 258 21.43 35.05 28.82
C PRO A 258 22.13 33.78 29.28
N ILE A 259 22.32 33.60 30.59
CA ILE A 259 23.18 32.52 31.07
C ILE A 259 22.54 31.15 30.84
N GLY A 260 21.23 31.03 31.02
CA GLY A 260 20.65 29.71 31.06
C GLY A 260 19.26 29.50 30.47
N CYS A 261 18.43 28.76 31.19
CA CYS A 261 17.20 28.20 30.66
C CYS A 261 16.15 29.28 30.43
N LEU A 262 15.10 28.91 29.72
CA LEU A 262 14.03 29.82 29.35
C LEU A 262 12.70 29.43 30.00
N PRO A 263 11.84 30.39 30.28
CA PRO A 263 10.54 30.07 30.90
C PRO A 263 9.68 29.19 29.99
N ALA A 264 8.90 28.32 30.62
CA ALA A 264 8.08 27.37 29.89
C ALA A 264 6.76 27.97 29.39
N HIS A 265 6.40 29.17 29.82
CA HIS A 265 5.16 29.81 29.41
C HIS A 265 5.36 30.77 28.25
N LEU A 266 6.54 30.77 27.63
CA LEU A 266 6.86 31.66 26.53
C LEU A 266 7.40 30.88 25.35
N LEU A 267 6.73 29.77 25.01
CA LEU A 267 7.11 28.95 23.88
C LEU A 267 6.03 28.84 22.82
N GLY A 268 5.01 29.68 22.86
CA GLY A 268 3.99 29.68 21.85
C GLY A 268 3.07 28.48 21.88
N ASP A 269 3.24 27.58 22.83
CA ASP A 269 2.37 26.43 23.00
C ASP A 269 2.08 26.25 24.48
N MET A 270 0.99 25.53 24.76
CA MET A 270 0.55 25.42 26.14
C MET A 270 1.54 24.66 27.00
N TRP A 271 2.22 23.66 26.43
CA TRP A 271 3.17 22.84 27.17
C TRP A 271 4.60 22.92 26.64
N GLY A 272 4.83 23.59 25.52
CA GLY A 272 6.15 23.62 24.92
C GLY A 272 6.46 22.46 23.99
N ARG A 273 5.44 21.79 23.46
CA ARG A 273 5.68 20.67 22.56
C ARG A 273 6.26 21.14 21.22
N PHE A 274 5.78 22.27 20.71
CA PHE A 274 6.25 22.83 19.45
C PHE A 274 6.62 24.29 19.66
N TRP A 275 7.57 24.76 18.85
CA TRP A 275 8.05 26.14 18.93
C TRP A 275 7.69 26.95 17.69
N THR A 276 6.65 26.53 16.95
CA THR A 276 6.35 27.15 15.67
C THR A 276 5.96 28.62 15.83
N ASN A 277 5.14 28.94 16.83
CA ASN A 277 4.59 30.27 16.97
C ASN A 277 5.64 31.33 17.27
N LEU A 278 6.85 30.93 17.62
CA LEU A 278 7.94 31.89 17.82
C LEU A 278 8.57 32.36 16.51
N TYR A 279 8.16 31.81 15.37
CA TYR A 279 8.76 32.19 14.10
C TYR A 279 8.64 33.68 13.86
N SER A 280 7.45 34.24 14.07
CA SER A 280 7.25 35.67 13.86
C SER A 280 8.13 36.51 14.77
N LEU A 281 8.65 35.94 15.86
CA LEU A 281 9.56 36.65 16.74
C LEU A 281 11.03 36.33 16.48
N THR A 282 11.32 35.33 15.65
CA THR A 282 12.70 34.92 15.41
C THR A 282 12.99 34.81 13.92
N VAL A 283 12.36 35.64 13.12
CA VAL A 283 12.55 35.57 11.67
C VAL A 283 13.98 35.95 11.33
N PRO A 284 14.67 35.21 10.46
CA PRO A 284 16.05 35.57 10.10
C PRO A 284 16.12 36.92 9.39
N PHE A 285 15.31 37.08 8.35
CA PHE A 285 15.29 38.30 7.53
C PHE A 285 13.85 38.59 7.13
N GLY A 286 13.27 39.61 7.73
CA GLY A 286 11.89 39.97 7.43
C GLY A 286 11.69 40.81 6.20
N GLN A 287 12.76 41.17 5.50
CA GLN A 287 12.64 42.00 4.30
C GLN A 287 11.88 41.28 3.20
N LYS A 288 12.14 39.98 3.02
CA LYS A 288 11.48 39.26 1.95
C LYS A 288 10.69 38.09 2.49
N PRO A 289 9.52 37.80 1.92
CA PRO A 289 8.62 36.79 2.50
C PRO A 289 9.05 35.37 2.11
N ASN A 290 8.29 34.41 2.62
CA ASN A 290 8.50 33.01 2.33
C ASN A 290 7.64 32.58 1.16
N ILE A 291 7.87 31.37 0.67
CA ILE A 291 7.11 30.85 -0.46
C ILE A 291 5.67 30.63 -0.02
N ASP A 292 4.74 31.30 -0.71
CA ASP A 292 3.32 31.22 -0.39
C ASP A 292 2.54 31.29 -1.70
N VAL A 293 1.95 30.17 -2.11
CA VAL A 293 1.28 30.12 -3.41
C VAL A 293 -0.20 30.38 -3.23
N THR A 294 -0.59 30.96 -2.09
CA THR A 294 -2.00 31.17 -1.80
C THR A 294 -2.65 32.09 -2.83
N ASP A 295 -1.97 33.17 -3.21
CA ASP A 295 -2.51 34.07 -4.22
C ASP A 295 -2.65 33.39 -5.57
N ALA A 296 -1.70 32.50 -5.91
CA ALA A 296 -1.77 31.80 -7.18
C ALA A 296 -2.98 30.89 -7.27
N MET A 297 -3.39 30.28 -6.15
CA MET A 297 -4.57 29.44 -6.16
C MET A 297 -5.81 30.24 -6.55
N VAL A 298 -5.94 31.45 -6.01
CA VAL A 298 -7.09 32.30 -6.35
C VAL A 298 -6.98 32.80 -7.79
N ASP A 299 -5.77 33.18 -8.21
CA ASP A 299 -5.59 33.72 -9.55
C ASP A 299 -5.92 32.68 -10.62
N GLN A 300 -5.48 31.44 -10.42
CA GLN A 300 -5.66 30.38 -11.40
C GLN A 300 -6.93 29.57 -11.12
N ALA A 301 -7.73 29.96 -10.13
CA ALA A 301 -9.00 29.31 -9.79
C ALA A 301 -8.78 27.85 -9.41
N TRP A 302 -8.09 27.68 -8.29
CA TRP A 302 -7.79 26.36 -7.74
C TRP A 302 -8.92 25.90 -6.84
N ASP A 303 -9.23 24.61 -6.91
CA ASP A 303 -10.21 23.97 -6.03
C ASP A 303 -9.61 22.71 -5.42
N ALA A 304 -10.41 22.04 -4.59
CA ALA A 304 -9.93 20.87 -3.87
C ALA A 304 -9.56 19.74 -4.82
N GLN A 305 -10.41 19.50 -5.83
CA GLN A 305 -10.17 18.39 -6.75
C GLN A 305 -8.88 18.60 -7.52
N ARG A 306 -8.59 19.84 -7.92
CA ARG A 306 -7.33 20.12 -8.61
C ARG A 306 -6.13 19.84 -7.71
N ILE A 307 -6.24 20.21 -6.42
CA ILE A 307 -5.16 19.95 -5.48
C ILE A 307 -4.89 18.45 -5.38
N PHE A 308 -5.96 17.67 -5.24
CA PHE A 308 -5.78 16.23 -5.07
C PHE A 308 -5.27 15.58 -6.36
N LYS A 309 -5.72 16.07 -7.52
CA LYS A 309 -5.19 15.55 -8.77
C LYS A 309 -3.71 15.85 -8.92
N GLU A 310 -3.28 17.05 -8.53
CA GLU A 310 -1.86 17.38 -8.59
C GLU A 310 -1.04 16.49 -7.66
N ALA A 311 -1.55 16.23 -6.45
CA ALA A 311 -0.84 15.33 -5.54
C ALA A 311 -0.77 13.92 -6.10
N GLU A 312 -1.85 13.45 -6.73
CA GLU A 312 -1.84 12.14 -7.36
C GLU A 312 -0.82 12.09 -8.50
N LYS A 313 -0.71 13.17 -9.28
CA LYS A 313 0.29 13.22 -10.34
C LYS A 313 1.69 13.14 -9.75
N PHE A 314 1.92 13.84 -8.64
CA PHE A 314 3.22 13.75 -7.98
C PHE A 314 3.53 12.32 -7.56
N PHE A 315 2.54 11.63 -6.98
CA PHE A 315 2.78 10.26 -6.55
C PHE A 315 3.02 9.33 -7.73
N VAL A 316 2.32 9.55 -8.85
CA VAL A 316 2.51 8.72 -10.03
C VAL A 316 3.89 8.94 -10.63
N SER A 317 4.38 10.18 -10.60
CA SER A 317 5.69 10.48 -11.15
C SER A 317 6.83 9.75 -10.44
N VAL A 318 6.61 9.29 -9.21
CA VAL A 318 7.64 8.57 -8.48
C VAL A 318 7.64 7.08 -8.82
N GLY A 319 6.46 6.49 -9.03
CA GLY A 319 6.36 5.09 -9.39
C GLY A 319 5.17 4.41 -8.74
N LEU A 320 4.66 5.01 -7.67
CA LEU A 320 3.51 4.47 -6.98
C LEU A 320 2.25 4.64 -7.82
N PRO A 321 1.27 3.77 -7.66
CA PRO A 321 0.11 3.74 -8.57
C PRO A 321 -0.87 4.87 -8.28
N ASN A 322 -1.94 4.88 -9.06
CA ASN A 322 -3.04 5.83 -8.87
C ASN A 322 -3.86 5.43 -7.65
N MET A 323 -4.98 6.10 -7.46
CA MET A 323 -5.95 5.73 -6.44
C MET A 323 -7.27 5.33 -7.09
N THR A 324 -7.98 4.43 -6.43
CA THR A 324 -9.11 3.74 -7.05
C THR A 324 -10.25 4.72 -7.37
N GLN A 325 -11.12 4.28 -8.27
CA GLN A 325 -12.28 5.09 -8.62
C GLN A 325 -13.18 5.33 -7.42
N GLY A 326 -13.22 4.37 -6.49
CA GLY A 326 -14.00 4.56 -5.28
C GLY A 326 -13.47 5.67 -4.39
N PHE A 327 -12.17 5.96 -4.49
CA PHE A 327 -11.58 7.04 -3.71
C PHE A 327 -12.17 8.39 -4.10
N TRP A 328 -12.36 8.61 -5.40
CA TRP A 328 -12.84 9.91 -5.88
C TRP A 328 -14.34 10.10 -5.70
N GLU A 329 -15.09 9.03 -5.45
CA GLU A 329 -16.54 9.12 -5.33
C GLU A 329 -17.07 8.92 -3.92
N ASN A 330 -16.39 8.11 -3.09
CA ASN A 330 -16.84 7.82 -1.75
C ASN A 330 -16.14 8.65 -0.69
N SER A 331 -15.27 9.58 -1.09
CA SER A 331 -14.50 10.38 -0.15
C SER A 331 -14.93 11.84 -0.26
N MET A 332 -15.31 12.43 0.86
CA MET A 332 -15.67 13.84 0.88
C MET A 332 -14.40 14.69 0.95
N LEU A 333 -14.35 15.73 0.12
CA LEU A 333 -13.19 16.60 0.07
C LEU A 333 -13.52 18.07 0.33
N THR A 334 -14.81 18.42 0.39
CA THR A 334 -15.21 19.79 0.69
C THR A 334 -16.31 19.75 1.76
N ASP A 335 -16.30 20.76 2.63
CA ASP A 335 -17.29 20.83 3.68
C ASP A 335 -18.69 20.97 3.09
N PRO A 336 -19.64 20.10 3.45
CA PRO A 336 -20.98 20.18 2.84
C PRO A 336 -21.69 21.48 3.12
N GLY A 337 -21.49 22.09 4.29
CA GLY A 337 -22.11 23.34 4.64
C GLY A 337 -22.97 23.21 5.88
N ASN A 338 -24.01 24.04 5.96
CA ASN A 338 -24.91 24.04 7.10
C ASN A 338 -25.94 22.92 7.05
N VAL A 339 -26.12 22.28 5.90
CA VAL A 339 -27.09 21.19 5.80
C VAL A 339 -26.63 19.99 6.63
N GLN A 340 -25.33 19.71 6.64
CA GLN A 340 -24.76 18.60 7.38
C GLN A 340 -23.86 19.13 8.49
N LYS A 341 -23.55 18.26 9.44
CA LYS A 341 -22.61 18.54 10.52
C LYS A 341 -21.46 17.54 10.43
N ALA A 342 -20.28 18.03 10.07
CA ALA A 342 -19.13 17.18 9.87
C ALA A 342 -17.98 17.64 10.74
N VAL A 343 -17.16 16.69 11.17
CA VAL A 343 -15.97 16.98 11.97
C VAL A 343 -14.82 17.22 10.99
N CYS A 344 -14.49 18.49 10.78
CA CYS A 344 -13.43 18.86 9.84
C CYS A 344 -12.08 18.54 10.45
N HIS A 345 -11.55 17.37 10.10
CA HIS A 345 -10.26 16.91 10.60
C HIS A 345 -9.66 15.95 9.58
N PRO A 346 -8.53 16.30 8.97
CA PRO A 346 -7.99 15.47 7.88
C PRO A 346 -7.63 14.08 8.38
N THR A 347 -8.31 13.08 7.83
CA THR A 347 -8.08 11.70 8.23
C THR A 347 -8.09 10.80 6.99
N ALA A 348 -7.18 9.84 6.97
CA ALA A 348 -7.12 8.82 5.93
C ALA A 348 -7.68 7.52 6.49
N TRP A 349 -8.70 6.99 5.82
CA TRP A 349 -9.44 5.83 6.30
C TRP A 349 -9.13 4.62 5.41
N ASP A 350 -8.71 3.53 6.05
CA ASP A 350 -8.53 2.24 5.41
C ASP A 350 -9.58 1.32 6.00
N LEU A 351 -10.78 1.32 5.40
CA LEU A 351 -11.89 0.55 5.94
C LEU A 351 -11.71 -0.94 5.75
N GLY A 352 -10.72 -1.37 4.99
CA GLY A 352 -10.56 -2.76 4.67
C GLY A 352 -11.41 -3.17 3.46
N LYS A 353 -11.08 -4.33 2.92
CA LYS A 353 -11.77 -4.87 1.75
C LYS A 353 -11.76 -3.90 0.59
N GLY A 354 -10.61 -3.25 0.37
CA GLY A 354 -10.43 -2.39 -0.77
C GLY A 354 -11.06 -1.02 -0.67
N ASP A 355 -11.37 -0.57 0.54
CA ASP A 355 -12.03 0.71 0.75
C ASP A 355 -11.02 1.70 1.34
N PHE A 356 -10.66 2.72 0.58
CA PHE A 356 -9.77 3.77 1.03
C PHE A 356 -10.46 5.11 0.81
N ARG A 357 -10.45 5.96 1.83
CA ARG A 357 -11.12 7.26 1.75
C ARG A 357 -10.27 8.32 2.44
N ILE A 358 -10.55 9.58 2.13
CA ILE A 358 -9.93 10.71 2.79
C ILE A 358 -11.03 11.70 3.18
N LEU A 359 -11.07 12.07 4.45
CA LEU A 359 -12.03 13.05 4.96
C LEU A 359 -11.25 14.31 5.30
N MET A 360 -11.50 15.39 4.57
CA MET A 360 -10.84 16.66 4.85
C MET A 360 -11.66 17.79 4.27
N CYS A 361 -11.84 18.85 5.06
CA CYS A 361 -12.51 20.08 4.61
C CYS A 361 -11.44 20.96 3.99
N THR A 362 -11.39 20.97 2.66
CA THR A 362 -10.29 21.58 1.93
C THR A 362 -10.57 23.06 1.67
N LYS A 363 -9.56 23.89 1.92
CA LYS A 363 -9.57 25.29 1.56
C LYS A 363 -8.30 25.60 0.77
N VAL A 364 -8.37 26.65 -0.04
CA VAL A 364 -7.22 27.02 -0.86
C VAL A 364 -6.15 27.67 0.01
N THR A 365 -5.09 26.92 0.28
CA THR A 365 -3.97 27.33 1.12
C THR A 365 -2.85 26.33 0.93
N MET A 366 -1.60 26.81 1.04
CA MET A 366 -0.46 25.90 0.94
C MET A 366 -0.47 24.85 2.04
N ASP A 367 -0.98 25.20 3.23
CA ASP A 367 -1.03 24.23 4.32
C ASP A 367 -1.91 23.04 3.95
N ASP A 368 -3.09 23.31 3.38
CA ASP A 368 -3.93 22.21 2.92
C ASP A 368 -3.31 21.50 1.73
N PHE A 369 -2.55 22.22 0.91
CA PHE A 369 -1.84 21.59 -0.21
C PHE A 369 -0.88 20.53 0.30
N LEU A 370 -0.15 20.83 1.38
CA LEU A 370 0.77 19.85 1.95
C LEU A 370 0.04 18.76 2.74
N THR A 371 -1.06 19.12 3.42
CA THR A 371 -1.82 18.12 4.17
C THR A 371 -2.41 17.08 3.24
N ALA A 372 -2.80 17.49 2.03
CA ALA A 372 -3.29 16.53 1.05
C ALA A 372 -2.21 15.51 0.71
N HIS A 373 -0.98 15.94 0.94
CA HIS A 373 0.20 15.05 0.68
C HIS A 373 0.51 14.11 1.85
N HIS A 374 0.46 14.56 3.11
CA HIS A 374 0.68 13.64 4.25
C HIS A 374 -0.44 12.60 4.27
N GLU A 375 -1.67 13.00 3.98
CA GLU A 375 -2.83 12.05 4.10
C GLU A 375 -2.81 11.07 2.95
N MET A 376 -2.33 11.51 1.80
CA MET A 376 -2.31 10.63 0.62
C MET A 376 -1.19 9.64 0.83
N GLY A 377 -0.21 9.99 1.64
CA GLY A 377 0.89 9.07 1.94
C GLY A 377 0.42 7.89 2.74
N HIS A 378 -0.47 8.13 3.71
CA HIS A 378 -0.99 7.06 4.56
C HIS A 378 -1.86 6.14 3.70
N ILE A 379 -2.66 6.69 2.81
CA ILE A 379 -3.48 5.86 1.88
C ILE A 379 -2.52 5.07 1.01
N GLN A 380 -1.42 5.65 0.56
CA GLN A 380 -0.55 4.79 -0.23
C GLN A 380 0.11 3.72 0.64
N TYR A 381 0.57 4.10 1.83
CA TYR A 381 1.20 3.11 2.70
C TYR A 381 0.19 2.07 3.16
N ASP A 382 -1.06 2.49 3.39
CA ASP A 382 -2.11 1.51 3.71
C ASP A 382 -2.37 0.59 2.53
N MET A 383 -2.36 1.12 1.31
CA MET A 383 -2.59 0.29 0.12
C MET A 383 -1.46 -0.71 -0.09
N ALA A 384 -0.24 -0.36 0.34
CA ALA A 384 0.91 -1.20 0.05
C ALA A 384 0.80 -2.58 0.70
N TYR A 385 0.37 -2.63 1.96
CA TYR A 385 0.31 -3.88 2.71
C TYR A 385 -1.09 -4.47 2.78
N ALA A 386 -1.94 -4.18 1.79
CA ALA A 386 -3.31 -4.67 1.80
C ALA A 386 -3.39 -6.19 1.65
N ALA A 387 -2.32 -6.83 1.19
CA ALA A 387 -2.32 -8.27 0.96
C ALA A 387 -1.91 -9.08 2.17
N GLN A 388 -1.42 -8.44 3.23
CA GLN A 388 -0.97 -9.15 4.41
C GLN A 388 -2.15 -9.63 5.24
N PRO A 389 -1.94 -10.60 6.14
CA PRO A 389 -3.01 -11.03 7.04
C PRO A 389 -3.51 -9.88 7.90
N PHE A 390 -4.69 -10.08 8.49
CA PHE A 390 -5.40 -9.00 9.15
C PHE A 390 -4.60 -8.42 10.31
N LEU A 391 -4.04 -9.29 11.16
CA LEU A 391 -3.33 -8.82 12.34
C LEU A 391 -2.01 -8.15 12.00
N LEU A 392 -1.47 -8.39 10.81
CA LEU A 392 -0.21 -7.80 10.39
C LEU A 392 -0.39 -6.59 9.48
N ARG A 393 -1.62 -6.15 9.26
CA ARG A 393 -1.89 -5.01 8.37
C ARG A 393 -1.74 -3.71 9.15
N ASN A 394 -0.48 -3.37 9.43
CA ASN A 394 -0.15 -2.15 10.14
C ASN A 394 1.34 -1.87 9.91
N GLY A 395 1.77 -0.68 10.30
CA GLY A 395 3.17 -0.33 10.15
C GLY A 395 4.06 -1.24 10.98
N ALA A 396 5.29 -1.45 10.49
CA ALA A 396 6.19 -2.41 11.11
C ALA A 396 6.46 -2.06 12.57
N ASN A 397 6.39 -0.78 12.92
CA ASN A 397 6.35 -0.34 14.30
C ASN A 397 5.35 0.80 14.39
N GLU A 398 5.39 1.54 15.48
CA GLU A 398 4.49 2.67 15.68
C GLU A 398 5.05 3.97 15.12
N GLY A 399 6.17 3.91 14.41
CA GLY A 399 6.72 5.18 13.95
C GLY A 399 7.08 5.09 12.49
N PHE A 400 6.27 4.37 11.73
CA PHE A 400 6.64 4.18 10.31
C PHE A 400 5.53 4.72 9.44
N HIS A 401 4.32 4.86 9.99
CA HIS A 401 3.19 5.29 9.15
C HIS A 401 3.20 6.81 9.01
N GLU A 402 3.55 7.53 10.06
CA GLU A 402 3.56 9.00 10.04
C GLU A 402 4.91 9.48 9.52
N ALA A 403 5.74 8.56 9.03
CA ALA A 403 7.02 8.95 8.42
C ALA A 403 6.85 8.81 6.91
N VAL A 404 6.24 7.72 6.44
CA VAL A 404 5.92 7.56 4.99
C VAL A 404 4.76 8.49 4.71
N GLY A 405 4.88 9.75 5.09
CA GLY A 405 3.78 10.69 4.94
C GLY A 405 4.31 12.08 5.17
N GLU A 406 5.32 12.20 6.01
CA GLU A 406 5.92 13.54 6.27
C GLU A 406 7.08 13.73 5.31
N ILE A 407 7.44 12.70 4.55
CA ILE A 407 8.55 12.79 3.57
C ILE A 407 7.98 13.48 2.33
N MET A 408 6.87 12.97 1.80
CA MET A 408 6.17 13.49 0.64
C MET A 408 5.89 14.98 0.80
N SER A 409 5.51 15.42 2.00
CA SER A 409 5.28 16.84 2.23
C SER A 409 6.54 17.65 1.99
N LEU A 410 7.68 17.15 2.47
CA LEU A 410 8.96 17.82 2.29
C LEU A 410 9.29 18.04 0.83
N SER A 411 9.12 16.99 0.01
CA SER A 411 9.42 17.10 -1.41
C SER A 411 8.41 18.00 -2.12
N ALA A 412 7.14 17.96 -1.68
CA ALA A 412 6.14 18.81 -2.29
C ALA A 412 6.43 20.28 -2.04
N ALA A 413 6.91 20.61 -0.84
CA ALA A 413 7.23 22.00 -0.51
C ALA A 413 8.44 22.53 -1.25
N THR A 414 9.20 21.68 -1.94
CA THR A 414 10.41 22.12 -2.61
C THR A 414 10.09 23.09 -3.74
N PRO A 415 10.84 24.19 -3.86
CA PRO A 415 10.58 25.15 -4.94
C PRO A 415 10.60 24.54 -6.32
N LYS A 416 11.45 23.54 -6.56
CA LYS A 416 11.52 22.93 -7.89
C LYS A 416 10.20 22.29 -8.28
N HIS A 417 9.55 21.60 -7.34
CA HIS A 417 8.26 20.98 -7.63
C HIS A 417 7.18 22.02 -7.89
N LEU A 418 7.17 23.11 -7.11
CA LEU A 418 6.20 24.17 -7.32
C LEU A 418 6.41 24.89 -8.65
N LYS A 419 7.66 25.00 -9.09
CA LYS A 419 7.97 25.64 -10.37
C LYS A 419 7.70 24.71 -11.55
N SER A 420 7.63 23.41 -11.33
CA SER A 420 7.39 22.44 -12.38
C SER A 420 5.91 22.16 -12.60
N ILE A 421 5.02 22.72 -11.77
CA ILE A 421 3.58 22.57 -11.95
C ILE A 421 2.88 23.89 -12.23
N GLY A 422 3.58 25.02 -12.10
CA GLY A 422 3.01 26.30 -12.47
C GLY A 422 2.34 27.05 -11.34
N LEU A 423 3.04 27.20 -10.22
CA LEU A 423 2.54 27.99 -9.10
C LEU A 423 3.39 29.21 -8.81
N LEU A 424 4.54 29.38 -9.45
CA LEU A 424 5.42 30.52 -9.24
C LEU A 424 5.87 31.05 -10.58
N SER A 425 6.23 32.33 -10.60
CA SER A 425 6.80 32.92 -11.81
C SER A 425 8.08 32.18 -12.15
N PRO A 426 8.28 31.76 -13.41
CA PRO A 426 9.37 30.81 -13.69
C PRO A 426 10.74 31.48 -13.78
N ASP A 427 11.01 32.42 -12.87
CA ASP A 427 12.38 32.83 -12.60
C ASP A 427 12.75 32.55 -11.14
N PHE A 428 12.05 33.16 -10.19
CA PHE A 428 12.09 32.84 -8.76
C PHE A 428 13.48 32.43 -8.29
N GLN A 429 14.41 33.37 -8.41
CA GLN A 429 15.80 33.13 -8.03
C GLN A 429 15.89 32.49 -6.66
N GLU A 430 16.42 31.27 -6.60
CA GLU A 430 16.51 30.50 -5.37
C GLU A 430 17.72 30.97 -4.56
N ASP A 431 17.59 32.18 -4.02
CA ASP A 431 18.67 32.78 -3.27
C ASP A 431 18.85 32.09 -1.92
N ASN A 432 20.11 32.02 -1.47
CA ASN A 432 20.39 31.52 -0.13
C ASN A 432 19.85 32.43 0.95
N GLU A 433 19.53 33.68 0.59
CA GLU A 433 18.94 34.62 1.55
C GLU A 433 17.59 34.13 2.04
N THR A 434 16.86 33.37 1.22
CA THR A 434 15.50 32.95 1.51
C THR A 434 15.41 31.49 1.94
N GLU A 435 16.18 30.61 1.32
CA GLU A 435 16.08 29.19 1.63
C GLU A 435 16.45 28.89 3.08
N ILE A 436 17.25 29.75 3.70
CA ILE A 436 17.57 29.60 5.12
C ILE A 436 16.41 30.01 6.01
N ASN A 437 15.43 30.74 5.46
CA ASN A 437 14.22 31.06 6.19
C ASN A 437 13.25 29.89 6.26
N PHE A 438 13.45 28.87 5.43
CA PHE A 438 12.60 27.69 5.43
C PHE A 438 13.14 26.58 6.32
N LEU A 439 14.47 26.45 6.42
CA LEU A 439 15.04 25.42 7.28
C LEU A 439 14.83 25.75 8.75
N LEU A 440 14.90 27.04 9.12
CA LEU A 440 14.71 27.41 10.51
C LEU A 440 13.27 27.16 10.96
N LYS A 441 12.30 27.45 10.09
CA LYS A 441 10.90 27.23 10.45
C LYS A 441 10.63 25.75 10.67
N GLN A 442 11.22 24.88 9.85
CA GLN A 442 11.09 23.45 10.08
C GLN A 442 11.91 22.97 11.27
N ALA A 443 12.97 23.69 11.63
CA ALA A 443 13.72 23.35 12.84
C ALA A 443 12.98 23.77 14.11
N LEU A 444 12.03 24.69 13.99
CA LEU A 444 11.22 25.13 15.13
C LEU A 444 10.07 24.18 15.42
N THR A 445 9.89 23.15 14.59
CA THR A 445 8.88 22.13 14.83
C THR A 445 9.46 20.73 14.98
N ILE A 446 10.55 20.40 14.30
CA ILE A 446 11.12 19.07 14.31
C ILE A 446 12.20 18.91 15.38
N VAL A 447 13.12 19.85 15.51
CA VAL A 447 14.18 19.74 16.52
C VAL A 447 13.68 20.10 17.90
N GLY A 448 12.77 21.08 18.00
CA GLY A 448 12.32 21.56 19.28
C GLY A 448 11.37 20.64 20.02
N THR A 449 11.06 19.47 19.48
CA THR A 449 10.17 18.53 20.13
C THR A 449 10.85 17.27 20.64
N LEU A 450 12.02 16.92 20.11
CA LEU A 450 12.67 15.67 20.50
C LEU A 450 13.06 15.62 21.97
N PRO A 451 13.74 16.63 22.54
CA PRO A 451 14.03 16.55 23.98
C PRO A 451 12.79 16.49 24.83
N PHE A 452 11.71 17.16 24.44
CA PHE A 452 10.47 17.09 25.20
C PHE A 452 9.93 15.67 25.24
N THR A 453 9.88 15.00 24.09
CA THR A 453 9.41 13.62 24.03
C THR A 453 10.30 12.70 24.84
N TYR A 454 11.62 12.86 24.71
CA TYR A 454 12.55 12.02 25.47
C TYR A 454 12.34 12.20 26.96
N MET A 455 12.20 13.46 27.41
CA MET A 455 11.95 13.75 28.82
C MET A 455 10.69 13.08 29.31
N LEU A 456 9.58 13.28 28.59
CA LEU A 456 8.30 12.76 29.06
C LEU A 456 8.32 11.24 29.13
N GLU A 457 8.87 10.60 28.08
CA GLU A 457 8.90 9.15 28.06
C GLU A 457 9.82 8.59 29.15
N LYS A 458 10.96 9.24 29.38
CA LYS A 458 11.87 8.80 30.44
C LYS A 458 11.20 8.89 31.81
N TRP A 459 10.55 10.02 32.08
CA TRP A 459 9.87 10.17 33.37
C TRP A 459 8.78 9.14 33.55
N ARG A 460 7.98 8.91 32.50
CA ARG A 460 6.92 7.92 32.61
C ARG A 460 7.49 6.52 32.83
N TRP A 461 8.59 6.19 32.13
CA TRP A 461 9.19 4.87 32.27
C TRP A 461 9.71 4.65 33.68
N MET A 462 10.39 5.64 34.25
CA MET A 462 10.91 5.40 35.60
C MET A 462 9.91 5.73 36.70
N VAL A 463 8.72 6.22 36.36
CA VAL A 463 7.69 6.25 37.38
C VAL A 463 6.90 4.95 37.37
N PHE A 464 6.80 4.29 36.22
CA PHE A 464 6.26 2.93 36.20
C PHE A 464 7.26 1.92 36.76
N LYS A 465 8.55 2.22 36.64
CA LYS A 465 9.59 1.31 37.11
C LYS A 465 9.49 1.09 38.62
N GLY A 466 9.23 2.16 39.36
CA GLY A 466 9.21 2.10 40.80
C GLY A 466 10.45 2.64 41.48
N GLU A 467 11.38 3.21 40.73
CA GLU A 467 12.60 3.78 41.31
C GLU A 467 12.46 5.26 41.61
N ILE A 468 11.31 5.86 41.35
CA ILE A 468 11.00 7.21 41.77
C ILE A 468 9.81 7.15 42.73
N PRO A 469 10.07 7.23 44.04
CA PRO A 469 8.99 7.20 45.02
C PRO A 469 7.81 8.13 44.74
N LYS A 470 6.70 7.88 45.44
CA LYS A 470 5.50 8.68 45.23
C LYS A 470 5.73 10.14 45.57
N ASP A 471 6.48 10.40 46.65
CA ASP A 471 6.72 11.78 47.09
C ASP A 471 7.69 12.53 46.19
N GLN A 472 8.37 11.86 45.27
CA GLN A 472 9.32 12.50 44.38
C GLN A 472 8.84 12.52 42.94
N TRP A 473 7.53 12.44 42.72
CA TRP A 473 6.99 12.48 41.36
C TRP A 473 7.30 13.80 40.68
N MET A 474 7.15 14.91 41.40
CA MET A 474 7.27 16.23 40.80
C MET A 474 8.56 16.92 41.20
N LYS A 475 9.38 16.30 42.05
CA LYS A 475 10.74 16.77 42.25
C LYS A 475 11.64 16.38 41.09
N LYS A 476 11.35 15.25 40.44
CA LYS A 476 12.14 14.80 39.30
C LYS A 476 11.62 15.27 37.96
N TRP A 477 10.33 15.62 37.88
CA TRP A 477 9.78 16.09 36.60
C TRP A 477 10.41 17.40 36.17
N TRP A 478 10.59 18.34 37.11
CA TRP A 478 11.22 19.61 36.79
C TRP A 478 12.73 19.55 36.85
N GLU A 479 13.30 18.46 37.38
CA GLU A 479 14.73 18.25 37.30
C GLU A 479 15.17 17.76 35.93
N MET A 480 14.35 16.93 35.27
CA MET A 480 14.67 16.49 33.92
C MET A 480 14.59 17.63 32.92
N LYS A 481 13.63 18.54 33.10
CA LYS A 481 13.45 19.65 32.18
C LYS A 481 14.51 20.73 32.34
N ARG A 482 15.40 20.60 33.32
CA ARG A 482 16.52 21.51 33.46
C ARG A 482 17.82 20.95 32.89
N GLU A 483 17.97 19.63 32.85
CA GLU A 483 19.18 19.00 32.35
C GLU A 483 19.05 18.46 30.94
N ILE A 484 17.83 18.23 30.46
CA ILE A 484 17.59 17.73 29.12
C ILE A 484 17.02 18.83 28.21
N VAL A 485 15.97 19.49 28.65
CA VAL A 485 15.39 20.63 27.94
C VAL A 485 15.86 21.88 28.65
N GLY A 486 15.65 23.03 28.01
CA GLY A 486 16.07 24.29 28.62
C GLY A 486 14.93 25.09 29.21
N VAL A 487 14.00 24.43 29.89
CA VAL A 487 12.79 25.07 30.39
C VAL A 487 12.78 25.02 31.92
N VAL A 488 12.24 26.08 32.51
CA VAL A 488 12.18 26.23 33.97
C VAL A 488 10.80 26.73 34.34
N GLU A 489 10.29 26.28 35.48
CA GLU A 489 8.95 26.66 35.91
C GLU A 489 8.91 28.15 36.24
N PRO A 490 7.81 28.84 35.94
CA PRO A 490 7.70 30.24 36.36
C PRO A 490 7.55 30.39 37.87
N VAL A 491 6.71 29.58 38.49
CA VAL A 491 6.46 29.67 39.93
C VAL A 491 6.63 28.30 40.55
N PRO A 492 6.97 28.24 41.83
CA PRO A 492 7.13 26.95 42.51
C PRO A 492 5.91 26.06 42.34
N HIS A 493 6.17 24.76 42.16
CA HIS A 493 5.11 23.75 42.11
C HIS A 493 5.37 22.74 43.23
N ASP A 494 4.45 22.67 44.18
CA ASP A 494 4.56 21.75 45.30
C ASP A 494 4.22 20.33 44.81
N GLU A 495 4.14 19.39 45.75
CA GLU A 495 3.96 17.99 45.38
C GLU A 495 2.55 17.70 44.91
N THR A 496 1.55 18.42 45.43
CA THR A 496 0.16 18.06 45.15
C THR A 496 -0.24 18.32 43.70
N TYR A 497 0.55 19.08 42.94
CA TYR A 497 0.21 19.35 41.56
C TYR A 497 0.48 18.14 40.68
N CYS A 498 0.02 18.23 39.43
CA CYS A 498 0.33 17.22 38.41
C CYS A 498 0.45 17.96 37.07
N ASP A 499 1.67 18.31 36.72
CA ASP A 499 1.94 19.08 35.50
C ASP A 499 1.84 18.21 34.25
N PRO A 500 2.43 17.01 34.21
CA PRO A 500 2.24 16.16 33.02
C PRO A 500 0.80 15.82 32.75
N ALA A 501 -0.03 15.66 33.78
CA ALA A 501 -1.42 15.27 33.57
C ALA A 501 -2.19 16.31 32.76
N SER A 502 -1.69 17.55 32.70
CA SER A 502 -2.33 18.55 31.87
C SER A 502 -2.27 18.22 30.38
N LEU A 503 -1.31 17.42 29.96
CA LEU A 503 -1.17 17.06 28.56
C LEU A 503 -2.21 16.02 28.17
N PHE A 504 -2.58 16.02 26.89
CA PHE A 504 -3.59 15.10 26.40
C PHE A 504 -3.14 13.65 26.55
N HIS A 505 -1.87 13.38 26.27
CA HIS A 505 -1.38 12.00 26.24
C HIS A 505 -1.19 11.42 27.62
N VAL A 506 -0.77 12.21 28.61
CA VAL A 506 -0.60 11.69 29.95
C VAL A 506 -1.95 11.38 30.59
N SER A 507 -2.93 12.27 30.39
CA SER A 507 -4.25 12.06 30.97
C SER A 507 -4.91 10.81 30.44
N ASN A 508 -4.83 10.59 29.13
CA ASN A 508 -5.36 9.38 28.52
C ASN A 508 -4.26 8.33 28.46
N ASP A 509 -4.49 7.25 27.71
CA ASP A 509 -3.53 6.15 27.58
C ASP A 509 -3.01 6.16 26.15
N TYR A 510 -1.87 6.82 25.94
CA TYR A 510 -1.26 6.86 24.63
C TYR A 510 0.25 6.82 24.78
N SER A 511 0.89 5.88 24.11
CA SER A 511 2.35 5.86 24.06
C SER A 511 2.86 7.09 23.34
N PHE A 512 3.90 7.70 23.89
CA PHE A 512 4.32 9.03 23.45
C PHE A 512 5.69 9.04 22.79
N ILE A 513 6.46 7.94 22.91
CA ILE A 513 7.78 7.86 22.29
C ILE A 513 7.72 7.68 20.78
N ARG A 514 6.55 7.42 20.20
CA ARG A 514 6.47 7.19 18.77
C ARG A 514 6.94 8.40 17.96
N TYR A 515 6.79 9.60 18.52
CA TYR A 515 7.15 10.81 17.80
C TYR A 515 8.65 10.92 17.58
N TYR A 516 9.44 10.59 18.61
CA TYR A 516 10.89 10.62 18.48
C TYR A 516 11.37 9.68 17.38
N THR A 517 10.95 8.45 17.59
CA THR A 517 11.35 7.40 16.68
C THR A 517 10.82 7.74 15.30
N ARG A 518 9.90 8.68 15.17
CA ARG A 518 9.46 9.02 13.80
C ARG A 518 10.38 10.06 13.21
N THR A 519 10.46 11.20 13.85
CA THR A 519 11.39 12.25 13.40
C THR A 519 12.70 11.60 13.01
N LEU A 520 13.17 10.59 13.73
CA LEU A 520 14.48 10.10 13.32
C LEU A 520 14.42 9.10 12.16
N TYR A 521 13.23 8.60 11.82
CA TYR A 521 13.13 7.71 10.67
C TYR A 521 12.86 8.46 9.37
N GLN A 522 12.07 9.55 9.44
CA GLN A 522 11.67 10.22 8.20
C GLN A 522 12.87 10.78 7.45
N PHE A 523 13.85 11.34 8.17
CA PHE A 523 15.00 11.93 7.51
C PHE A 523 15.96 10.86 6.99
N GLN A 524 16.07 9.73 7.69
CA GLN A 524 16.82 8.60 7.14
C GLN A 524 16.23 8.18 5.80
N PHE A 525 14.91 8.03 5.76
CA PHE A 525 14.26 7.62 4.52
C PHE A 525 14.45 8.68 3.43
N GLN A 526 14.38 9.96 3.81
CA GLN A 526 14.56 11.02 2.83
C GLN A 526 15.96 11.00 2.23
N GLU A 527 16.99 10.83 3.07
CA GLU A 527 18.35 10.77 2.53
C GLU A 527 18.54 9.55 1.64
N ALA A 528 17.98 8.41 2.04
CA ALA A 528 18.10 7.22 1.21
C ALA A 528 17.46 7.44 -0.15
N LEU A 529 16.26 8.01 -0.17
CA LEU A 529 15.56 8.24 -1.43
C LEU A 529 16.30 9.25 -2.30
N CYS A 530 16.81 10.33 -1.69
CA CYS A 530 17.52 11.34 -2.46
C CYS A 530 18.82 10.79 -3.03
N GLN A 531 19.52 9.96 -2.26
CA GLN A 531 20.73 9.32 -2.76
C GLN A 531 20.39 8.36 -3.91
N ALA A 532 19.29 7.64 -3.80
CA ALA A 532 18.87 6.76 -4.89
C ALA A 532 18.41 7.54 -6.11
N ALA A 533 18.02 8.80 -5.95
CA ALA A 533 17.53 9.62 -7.05
C ALA A 533 18.63 10.40 -7.75
N LYS A 534 19.90 10.16 -7.41
CA LYS A 534 21.04 10.86 -8.00
C LYS A 534 20.92 12.36 -7.80
N HIS A 535 20.56 12.78 -6.59
CA HIS A 535 20.44 14.19 -6.28
C HIS A 535 21.81 14.78 -5.95
N GLU A 536 22.16 15.87 -6.63
CA GLU A 536 23.43 16.55 -6.42
C GLU A 536 23.16 17.89 -5.77
N GLY A 537 23.77 18.12 -4.61
CA GLY A 537 23.59 19.36 -3.88
C GLY A 537 23.09 19.13 -2.47
N PRO A 538 22.58 20.18 -1.85
CA PRO A 538 22.06 20.06 -0.48
C PRO A 538 20.82 19.17 -0.43
N LEU A 539 20.60 18.59 0.75
CA LEU A 539 19.52 17.62 0.91
C LEU A 539 18.15 18.29 0.97
N HIS A 540 18.07 19.54 1.43
CA HIS A 540 16.78 20.19 1.57
C HIS A 540 16.20 20.63 0.24
N LYS A 541 17.01 20.71 -0.81
CA LYS A 541 16.52 21.04 -2.16
C LYS A 541 16.20 19.80 -2.97
N CYS A 542 15.84 18.70 -2.32
CA CYS A 542 15.68 17.41 -3.00
C CYS A 542 14.21 17.16 -3.28
N ASP A 543 13.90 16.90 -4.54
CA ASP A 543 12.55 16.54 -4.98
C ASP A 543 12.64 15.15 -5.60
N ILE A 544 11.94 14.18 -5.01
CA ILE A 544 12.09 12.79 -5.39
C ILE A 544 11.19 12.49 -6.58
N SER A 545 10.60 13.52 -7.17
CA SER A 545 9.78 13.33 -8.35
C SER A 545 10.63 12.87 -9.52
N ASN A 546 10.00 12.14 -10.44
CA ASN A 546 10.66 11.62 -11.64
C ASN A 546 11.84 10.72 -11.28
N SER A 547 11.64 9.85 -10.30
CA SER A 547 12.68 8.91 -9.86
C SER A 547 12.00 7.58 -9.56
N THR A 548 12.03 6.66 -10.52
CA THR A 548 11.38 5.37 -10.34
C THR A 548 12.11 4.51 -9.32
N GLU A 549 13.44 4.58 -9.29
CA GLU A 549 14.21 3.74 -8.37
C GLU A 549 13.91 4.08 -6.92
N ALA A 550 13.75 5.36 -6.60
CA ALA A 550 13.40 5.75 -5.24
C ALA A 550 12.03 5.18 -4.85
N GLY A 551 11.07 5.25 -5.76
CA GLY A 551 9.77 4.69 -5.48
C GLY A 551 9.80 3.18 -5.27
N GLN A 552 10.60 2.49 -6.08
CA GLN A 552 10.73 1.05 -5.90
C GLN A 552 11.38 0.71 -4.57
N LYS A 553 12.41 1.47 -4.19
CA LYS A 553 13.08 1.24 -2.92
C LYS A 553 12.12 1.46 -1.75
N LEU A 554 11.30 2.49 -1.82
CA LEU A 554 10.30 2.70 -0.77
C LEU A 554 9.26 1.59 -0.76
N PHE A 555 8.82 1.15 -1.95
CA PHE A 555 7.78 0.13 -2.04
C PHE A 555 8.24 -1.21 -1.49
N ASN A 556 9.53 -1.52 -1.62
CA ASN A 556 10.02 -2.78 -1.05
C ASN A 556 9.83 -2.84 0.46
N MET A 557 9.78 -1.69 1.13
CA MET A 557 9.54 -1.63 2.57
C MET A 557 8.06 -1.45 2.90
N LEU A 558 7.34 -0.65 2.12
CA LEU A 558 5.93 -0.41 2.43
C LEU A 558 5.09 -1.68 2.33
N ARG A 559 5.52 -2.65 1.53
CA ARG A 559 4.74 -3.87 1.32
C ARG A 559 4.83 -4.85 2.48
N LEU A 560 5.91 -4.80 3.26
CA LEU A 560 6.13 -5.83 4.26
C LEU A 560 5.10 -5.77 5.39
N GLY A 561 4.86 -4.58 5.93
CA GLY A 561 4.00 -4.50 7.09
C GLY A 561 4.70 -5.05 8.33
N LYS A 562 3.91 -5.68 9.19
CA LYS A 562 4.42 -6.30 10.41
C LYS A 562 4.86 -7.75 10.19
N SER A 563 4.82 -8.25 8.95
CA SER A 563 5.15 -9.64 8.71
C SER A 563 6.60 -9.94 9.04
N GLU A 564 7.47 -8.95 8.95
CA GLU A 564 8.90 -9.10 9.19
C GLU A 564 9.36 -8.06 10.19
N PRO A 565 10.43 -8.33 10.93
CA PRO A 565 10.89 -7.38 11.95
C PRO A 565 11.22 -6.03 11.33
N TRP A 566 10.95 -4.97 12.10
CA TRP A 566 11.19 -3.62 11.61
C TRP A 566 12.66 -3.37 11.34
N THR A 567 13.55 -4.17 11.92
CA THR A 567 14.97 -4.07 11.60
C THR A 567 15.22 -4.34 10.13
N LEU A 568 14.65 -5.43 9.61
CA LEU A 568 14.83 -5.77 8.20
C LEU A 568 14.17 -4.74 7.30
N ALA A 569 13.00 -4.25 7.70
CA ALA A 569 12.31 -3.23 6.90
C ALA A 569 13.13 -1.96 6.82
N LEU A 570 13.73 -1.54 7.94
CA LEU A 570 14.60 -0.36 7.91
C LEU A 570 15.84 -0.61 7.06
N GLU A 571 16.40 -1.82 7.15
CA GLU A 571 17.60 -2.14 6.38
C GLU A 571 17.31 -2.17 4.87
N ASN A 572 16.10 -2.54 4.48
CA ASN A 572 15.76 -2.62 3.06
C ASN A 572 15.83 -1.26 2.36
N VAL A 573 15.72 -0.16 3.10
CA VAL A 573 15.73 1.16 2.50
C VAL A 573 16.94 1.98 2.92
N VAL A 574 17.45 1.81 4.14
CA VAL A 574 18.55 2.62 4.64
C VAL A 574 19.88 1.88 4.52
N GLY A 575 19.88 0.56 4.72
CA GLY A 575 21.10 -0.20 4.77
C GLY A 575 21.74 -0.26 6.12
N ALA A 576 21.15 0.35 7.15
CA ALA A 576 21.65 0.32 8.51
C ALA A 576 20.78 -0.61 9.34
N LYS A 577 21.41 -1.24 10.34
CA LYS A 577 20.71 -2.22 11.16
C LYS A 577 19.66 -1.57 12.04
N ASN A 578 19.93 -0.37 12.54
CA ASN A 578 19.08 0.27 13.53
C ASN A 578 18.93 1.75 13.20
N MET A 579 18.39 2.50 14.15
CA MET A 579 18.05 3.90 13.93
C MET A 579 19.27 4.80 14.09
N ASN A 580 19.31 5.85 13.27
CA ASN A 580 20.46 6.76 13.24
C ASN A 580 19.95 8.18 13.07
N VAL A 581 20.77 9.14 13.48
CA VAL A 581 20.39 10.56 13.44
C VAL A 581 21.26 11.36 12.48
N ARG A 582 22.32 10.77 11.92
CA ARG A 582 23.17 11.49 10.98
C ARG A 582 22.42 12.11 9.81
N PRO A 583 21.43 11.45 9.19
CA PRO A 583 20.64 12.15 8.16
C PRO A 583 19.97 13.41 8.65
N LEU A 584 19.47 13.41 9.90
CA LEU A 584 18.83 14.60 10.43
C LEU A 584 19.81 15.76 10.54
N LEU A 585 21.03 15.48 11.01
CA LEU A 585 22.03 16.55 11.13
C LEU A 585 22.53 17.00 9.76
N ASN A 586 22.59 16.09 8.79
CA ASN A 586 22.96 16.49 7.44
C ASN A 586 21.90 17.38 6.81
N TYR A 587 20.62 17.08 7.04
CA TYR A 587 19.54 17.88 6.47
C TYR A 587 19.58 19.32 6.98
N PHE A 588 20.08 19.53 8.19
CA PHE A 588 20.16 20.86 8.80
C PHE A 588 21.57 21.42 8.79
N GLU A 589 22.44 20.92 7.93
CA GLU A 589 23.83 21.38 7.92
C GLU A 589 23.98 22.86 7.59
N PRO A 590 23.37 23.41 6.52
CA PRO A 590 23.52 24.85 6.28
C PRO A 590 22.98 25.69 7.42
N LEU A 591 21.85 25.27 8.00
CA LEU A 591 21.30 25.98 9.15
C LEU A 591 22.26 25.95 10.32
N PHE A 592 22.86 24.79 10.57
CA PHE A 592 23.80 24.67 11.68
C PHE A 592 25.04 25.53 11.46
N THR A 593 25.53 25.59 10.22
CA THR A 593 26.68 26.43 9.92
C THR A 593 26.35 27.91 10.14
N TRP A 594 25.18 28.35 9.70
CA TRP A 594 24.77 29.72 9.92
C TRP A 594 24.63 30.02 11.41
N LEU A 595 24.05 29.08 12.16
CA LEU A 595 23.91 29.26 13.60
C LEU A 595 25.27 29.39 14.28
N LYS A 596 26.24 28.56 13.86
CA LYS A 596 27.60 28.73 14.38
C LYS A 596 28.15 30.10 14.04
N ASP A 597 27.88 30.58 12.82
CA ASP A 597 28.41 31.87 12.40
C ASP A 597 27.85 33.00 13.26
N GLN A 598 26.57 32.95 13.59
CA GLN A 598 25.90 34.04 14.28
C GLN A 598 25.80 33.85 15.79
N ASN A 599 26.42 32.81 16.34
CA ASN A 599 26.47 32.60 17.78
C ASN A 599 27.83 32.92 18.37
N LYS A 600 28.72 33.55 17.61
CA LYS A 600 30.07 33.81 18.10
C LYS A 600 30.07 34.81 19.26
N ASN A 601 29.21 35.82 19.21
CA ASN A 601 29.13 36.82 20.25
C ASN A 601 28.16 36.49 21.37
N SER A 602 27.40 35.40 21.22
CA SER A 602 26.42 35.00 22.22
C SER A 602 27.00 33.89 23.11
N PHE A 603 26.19 33.43 24.05
CA PHE A 603 26.57 32.37 24.96
C PHE A 603 25.76 31.12 24.61
N VAL A 604 26.46 29.99 24.46
CA VAL A 604 25.85 28.71 24.14
C VAL A 604 25.92 27.83 25.37
N GLY A 605 24.78 27.28 25.77
CA GLY A 605 24.68 26.44 26.94
C GLY A 605 23.86 27.09 28.04
N TRP A 606 23.34 26.26 28.93
CA TRP A 606 22.50 26.71 30.03
C TRP A 606 22.99 26.12 31.34
N SER A 607 22.95 26.94 32.39
CA SER A 607 23.33 26.49 33.72
C SER A 607 22.19 25.68 34.33
N THR A 608 22.37 25.28 35.60
CA THR A 608 21.34 24.49 36.26
C THR A 608 20.04 25.28 36.40
N ASP A 609 20.07 26.38 37.13
CA ASP A 609 18.93 27.29 37.24
C ASP A 609 19.29 28.55 38.01
N TRP A 610 18.71 29.68 37.61
CA TRP A 610 18.65 30.84 38.49
C TRP A 610 17.24 31.08 39.01
N SER A 611 16.24 30.43 38.39
CA SER A 611 14.82 30.46 38.72
C SER A 611 14.21 31.82 38.38
N PRO A 612 13.07 31.83 37.66
CA PRO A 612 12.35 33.09 37.47
C PRO A 612 11.83 33.68 38.78
N TYR A 613 11.77 32.89 39.84
CA TYR A 613 11.35 33.34 41.16
C TYR A 613 12.57 33.50 42.05
N ALA A 614 12.59 34.56 42.84
CA ALA A 614 13.71 34.83 43.74
C ALA A 614 13.26 35.64 44.94
N THR B 15 -29.72 -23.28 -37.10
CA THR B 15 -29.35 -23.15 -35.70
C THR B 15 -30.58 -23.20 -34.79
N ASN B 16 -30.40 -23.72 -33.59
CA ASN B 16 -31.48 -23.84 -32.62
C ASN B 16 -31.31 -22.93 -31.41
N LEU B 17 -30.20 -22.21 -31.32
CA LEU B 17 -29.94 -21.27 -30.23
C LEU B 17 -29.99 -21.98 -28.87
N CYS B 18 -29.22 -23.05 -28.74
CA CYS B 18 -29.12 -23.74 -27.46
C CYS B 18 -28.50 -22.80 -26.43
N PRO B 19 -28.96 -22.83 -25.18
CA PRO B 19 -28.80 -21.67 -24.29
C PRO B 19 -27.37 -21.24 -24.03
N PHE B 20 -27.03 -20.06 -24.55
CA PHE B 20 -25.92 -19.25 -24.07
C PHE B 20 -26.35 -17.92 -23.49
N HIS B 21 -27.55 -17.45 -23.82
CA HIS B 21 -28.11 -16.25 -23.22
C HIS B 21 -28.78 -16.50 -21.89
N GLU B 22 -28.82 -17.76 -21.45
CA GLU B 22 -29.38 -18.11 -20.15
C GLU B 22 -28.31 -18.28 -19.09
N VAL B 23 -27.15 -18.84 -19.45
CA VAL B 23 -26.07 -18.98 -18.48
C VAL B 23 -25.51 -17.61 -18.12
N PHE B 24 -25.42 -16.70 -19.09
CA PHE B 24 -24.83 -15.40 -18.85
C PHE B 24 -25.82 -14.37 -18.30
N ASN B 25 -27.12 -14.56 -18.55
CA ASN B 25 -28.15 -13.61 -18.13
C ASN B 25 -29.02 -14.17 -17.01
N ALA B 26 -28.56 -15.20 -16.31
CA ALA B 26 -29.35 -15.75 -15.22
C ALA B 26 -29.50 -14.73 -14.10
N THR B 27 -30.70 -14.67 -13.52
CA THR B 27 -30.97 -13.69 -12.48
C THR B 27 -30.25 -14.03 -11.18
N THR B 28 -30.07 -15.32 -10.88
CA THR B 28 -29.40 -15.77 -9.68
C THR B 28 -28.37 -16.83 -10.03
N PHE B 29 -27.13 -16.62 -9.60
CA PHE B 29 -26.06 -17.58 -9.83
C PHE B 29 -25.97 -18.53 -8.64
N ALA B 30 -24.89 -19.31 -8.57
CA ALA B 30 -24.68 -20.27 -7.51
C ALA B 30 -23.48 -19.87 -6.67
N SER B 31 -23.32 -20.55 -5.53
CA SER B 31 -22.19 -20.33 -4.65
C SER B 31 -20.95 -21.02 -5.20
N VAL B 32 -19.80 -20.68 -4.61
CA VAL B 32 -18.53 -21.22 -5.10
C VAL B 32 -18.47 -22.73 -4.93
N TYR B 33 -18.93 -23.23 -3.78
CA TYR B 33 -18.86 -24.66 -3.51
C TYR B 33 -19.98 -25.44 -4.19
N ALA B 34 -21.00 -24.76 -4.74
CA ALA B 34 -22.04 -25.45 -5.49
C ALA B 34 -21.74 -25.45 -6.99
N TRP B 35 -21.62 -24.25 -7.58
CA TRP B 35 -21.45 -23.98 -9.01
C TRP B 35 -22.31 -24.87 -9.91
N ASN B 36 -23.22 -24.24 -10.66
CA ASN B 36 -24.12 -24.99 -11.53
C ASN B 36 -23.38 -25.48 -12.77
N ARG B 37 -23.50 -26.77 -13.06
CA ARG B 37 -22.91 -27.38 -14.24
C ARG B 37 -24.01 -27.60 -15.28
N LYS B 38 -23.85 -27.00 -16.45
CA LYS B 38 -24.79 -27.16 -17.55
C LYS B 38 -24.12 -27.88 -18.70
N ARG B 39 -24.74 -28.97 -19.15
CA ARG B 39 -24.23 -29.77 -20.26
C ARG B 39 -24.90 -29.26 -21.54
N ILE B 40 -24.20 -28.39 -22.25
CA ILE B 40 -24.73 -27.73 -23.44
C ILE B 40 -24.08 -28.35 -24.66
N SER B 41 -24.84 -29.15 -25.41
CA SER B 41 -24.53 -29.46 -26.80
C SER B 41 -25.85 -29.77 -27.50
N ASN B 42 -26.47 -28.73 -28.07
CA ASN B 42 -27.74 -28.93 -28.76
C ASN B 42 -27.94 -28.09 -30.01
N CYS B 43 -27.03 -27.18 -30.37
CA CYS B 43 -27.32 -26.26 -31.46
C CYS B 43 -26.03 -25.85 -32.14
N VAL B 44 -26.12 -24.80 -32.95
CA VAL B 44 -24.95 -24.16 -33.53
C VAL B 44 -24.47 -23.07 -32.58
N ALA B 45 -23.19 -23.10 -32.25
CA ALA B 45 -22.64 -22.11 -31.34
C ALA B 45 -22.56 -20.74 -32.00
N ASP B 46 -22.78 -19.71 -31.19
CA ASP B 46 -22.95 -18.33 -31.66
C ASP B 46 -22.12 -17.38 -30.80
N TYR B 47 -20.82 -17.66 -30.67
CA TYR B 47 -19.97 -16.95 -29.73
C TYR B 47 -19.88 -15.45 -29.98
N SER B 48 -20.58 -14.95 -31.00
CA SER B 48 -20.61 -13.51 -31.23
C SER B 48 -21.18 -12.76 -30.03
N VAL B 49 -22.22 -13.30 -29.41
CA VAL B 49 -22.80 -12.66 -28.24
C VAL B 49 -21.84 -12.72 -27.05
N ILE B 50 -20.96 -13.72 -27.02
CA ILE B 50 -20.00 -13.83 -25.93
C ILE B 50 -19.05 -12.64 -25.93
N TYR B 51 -18.54 -12.27 -27.11
CA TYR B 51 -17.64 -11.13 -27.20
C TYR B 51 -18.31 -9.83 -26.82
N ASN B 52 -19.63 -9.77 -26.91
CA ASN B 52 -20.42 -8.62 -26.48
C ASN B 52 -20.81 -8.81 -25.01
N PHE B 53 -21.82 -8.07 -24.54
CA PHE B 53 -22.34 -8.19 -23.18
C PHE B 53 -21.28 -7.77 -22.15
N ALA B 54 -20.96 -6.47 -22.23
CA ALA B 54 -20.16 -5.73 -21.25
C ALA B 54 -18.68 -6.02 -21.37
N PRO B 55 -17.82 -5.11 -20.95
CA PRO B 55 -16.38 -5.40 -20.93
C PRO B 55 -16.07 -6.52 -19.95
N PHE B 56 -15.04 -7.29 -20.25
CA PHE B 56 -14.68 -8.46 -19.48
C PHE B 56 -13.39 -8.20 -18.71
N PHE B 57 -13.41 -8.52 -17.42
CA PHE B 57 -12.21 -8.42 -16.61
C PHE B 57 -11.14 -9.44 -17.03
N ALA B 58 -11.54 -10.52 -17.69
CA ALA B 58 -10.59 -11.51 -18.16
C ALA B 58 -11.24 -12.32 -19.27
N PHE B 59 -10.45 -12.64 -20.30
CA PHE B 59 -10.85 -13.55 -21.37
C PHE B 59 -9.62 -14.36 -21.72
N LYS B 60 -9.54 -15.58 -21.20
CA LYS B 60 -8.29 -16.34 -21.13
C LYS B 60 -8.49 -17.77 -21.61
N CYS B 61 -9.05 -17.92 -22.81
CA CYS B 61 -9.19 -19.26 -23.41
C CYS B 61 -7.85 -19.97 -23.47
N TYR B 62 -7.85 -21.23 -23.06
CA TYR B 62 -6.65 -22.06 -22.99
C TYR B 62 -6.71 -23.13 -24.08
N GLY B 63 -5.62 -23.30 -24.80
CA GLY B 63 -5.52 -24.35 -25.80
C GLY B 63 -6.08 -24.00 -27.16
N VAL B 64 -7.13 -23.17 -27.19
CA VAL B 64 -7.78 -22.77 -28.43
C VAL B 64 -7.77 -21.25 -28.51
N SER B 65 -7.46 -20.73 -29.69
CA SER B 65 -7.41 -19.28 -29.87
C SER B 65 -8.81 -18.71 -29.80
N PRO B 66 -9.05 -17.69 -28.98
CA PRO B 66 -10.40 -17.07 -28.95
C PRO B 66 -10.84 -16.50 -30.29
N THR B 67 -9.90 -16.04 -31.12
CA THR B 67 -10.27 -15.43 -32.39
C THR B 67 -10.96 -16.41 -33.31
N LYS B 68 -10.45 -17.63 -33.41
CA LYS B 68 -10.96 -18.61 -34.37
C LYS B 68 -11.87 -19.65 -33.74
N LEU B 69 -12.73 -19.21 -32.82
CA LEU B 69 -13.91 -19.98 -32.45
C LEU B 69 -14.93 -19.84 -33.58
N ASN B 70 -16.18 -20.21 -33.30
CA ASN B 70 -17.28 -20.07 -34.26
C ASN B 70 -17.13 -21.02 -35.45
N ASP B 71 -16.00 -21.74 -35.53
CA ASP B 71 -15.86 -22.80 -36.51
C ASP B 71 -14.94 -23.86 -35.90
N LEU B 72 -15.55 -24.81 -35.18
CA LEU B 72 -14.88 -25.98 -34.66
C LEU B 72 -15.94 -26.90 -34.08
N CYS B 73 -15.92 -28.18 -34.43
CA CYS B 73 -16.99 -29.09 -34.04
C CYS B 73 -16.66 -29.71 -32.69
N PHE B 74 -17.47 -29.39 -31.68
CA PHE B 74 -17.29 -29.87 -30.31
C PHE B 74 -18.40 -30.85 -29.97
N THR B 75 -18.03 -31.98 -29.36
CA THR B 75 -19.01 -33.01 -29.03
C THR B 75 -19.93 -32.58 -27.89
N ASN B 76 -19.35 -32.04 -26.82
CA ASN B 76 -20.13 -31.69 -25.63
C ASN B 76 -19.46 -30.52 -24.92
N VAL B 77 -20.19 -29.42 -24.74
CA VAL B 77 -19.67 -28.25 -24.04
C VAL B 77 -20.18 -28.28 -22.61
N TYR B 78 -19.34 -27.89 -21.67
CA TYR B 78 -19.74 -27.82 -20.27
C TYR B 78 -19.56 -26.40 -19.79
N ALA B 79 -20.62 -25.79 -19.28
CA ALA B 79 -20.60 -24.42 -18.79
C ALA B 79 -20.81 -24.43 -17.29
N ASP B 80 -19.86 -23.86 -16.55
CA ASP B 80 -19.94 -23.80 -15.10
C ASP B 80 -19.93 -22.34 -14.66
N SER B 81 -20.86 -21.99 -13.78
CA SER B 81 -21.04 -20.60 -13.36
C SER B 81 -21.07 -20.48 -11.85
N PHE B 82 -20.40 -19.46 -11.34
CA PHE B 82 -20.42 -19.15 -9.91
C PHE B 82 -19.90 -17.73 -9.74
N VAL B 83 -20.00 -17.22 -8.51
CA VAL B 83 -19.58 -15.86 -8.18
C VAL B 83 -18.48 -15.92 -7.14
N ILE B 84 -17.41 -15.14 -7.37
CA ILE B 84 -16.28 -15.08 -6.46
C ILE B 84 -15.88 -13.62 -6.29
N ARG B 85 -14.76 -13.37 -5.61
CA ARG B 85 -14.22 -12.04 -5.51
C ARG B 85 -13.13 -11.81 -6.55
N GLY B 86 -12.74 -10.55 -6.71
CA GLY B 86 -11.86 -10.20 -7.81
C GLY B 86 -10.49 -10.83 -7.74
N ASN B 87 -9.85 -10.76 -6.56
CA ASN B 87 -8.47 -11.24 -6.45
C ASN B 87 -8.37 -12.75 -6.57
N GLU B 88 -9.48 -13.47 -6.48
CA GLU B 88 -9.49 -14.90 -6.70
C GLU B 88 -9.79 -15.28 -8.14
N VAL B 89 -10.11 -14.31 -9.00
CA VAL B 89 -10.44 -14.61 -10.39
C VAL B 89 -9.24 -15.25 -11.09
N SER B 90 -8.03 -14.80 -10.75
CA SER B 90 -6.81 -15.36 -11.31
C SER B 90 -6.54 -16.77 -10.85
N GLN B 91 -7.34 -17.35 -9.96
CA GLN B 91 -7.13 -18.71 -9.49
C GLN B 91 -7.84 -19.76 -10.34
N ILE B 92 -8.71 -19.34 -11.26
CA ILE B 92 -9.44 -20.29 -12.11
C ILE B 92 -8.58 -20.50 -13.35
N ALA B 93 -7.61 -21.40 -13.21
CA ALA B 93 -6.64 -21.66 -14.26
C ALA B 93 -5.91 -22.95 -13.94
N PRO B 94 -5.48 -23.70 -14.94
CA PRO B 94 -4.75 -24.95 -14.67
C PRO B 94 -3.47 -24.69 -13.91
N GLY B 95 -3.13 -25.60 -12.99
CA GLY B 95 -1.88 -25.52 -12.27
C GLY B 95 -1.80 -24.41 -11.26
N GLN B 96 -2.92 -23.96 -10.72
CA GLN B 96 -2.94 -22.90 -9.71
C GLN B 96 -3.31 -23.49 -8.36
N THR B 97 -2.63 -23.01 -7.32
CA THR B 97 -2.86 -23.46 -5.95
C THR B 97 -3.38 -22.28 -5.13
N GLY B 98 -4.47 -22.49 -4.42
CA GLY B 98 -5.05 -21.44 -3.62
C GLY B 98 -6.26 -21.97 -2.87
N ASN B 99 -6.92 -21.05 -2.16
CA ASN B 99 -8.08 -21.43 -1.34
C ASN B 99 -9.21 -21.95 -2.21
N ILE B 100 -9.52 -21.25 -3.31
CA ILE B 100 -10.60 -21.69 -4.19
C ILE B 100 -10.19 -22.94 -4.95
N ALA B 101 -8.95 -22.99 -5.44
CA ALA B 101 -8.51 -24.12 -6.25
C ALA B 101 -8.38 -25.39 -5.44
N ASP B 102 -7.88 -25.30 -4.21
CA ASP B 102 -7.63 -26.50 -3.42
C ASP B 102 -8.88 -27.05 -2.74
N TYR B 103 -9.91 -26.22 -2.53
CA TYR B 103 -11.06 -26.63 -1.74
C TYR B 103 -12.41 -26.44 -2.43
N ASN B 104 -12.53 -25.56 -3.41
CA ASN B 104 -13.83 -25.23 -3.98
C ASN B 104 -13.96 -25.70 -5.43
N TYR B 105 -13.07 -25.28 -6.31
CA TYR B 105 -13.17 -25.58 -7.74
C TYR B 105 -11.79 -25.88 -8.27
N LYS B 106 -11.62 -27.08 -8.86
CA LYS B 106 -10.32 -27.53 -9.35
C LYS B 106 -10.36 -27.64 -10.87
N LEU B 107 -9.25 -27.25 -11.51
CA LEU B 107 -9.12 -27.34 -12.95
C LEU B 107 -7.94 -28.23 -13.31
N PRO B 108 -8.13 -29.20 -14.21
CA PRO B 108 -7.03 -30.09 -14.58
C PRO B 108 -5.95 -29.36 -15.36
N ASP B 109 -4.74 -29.93 -15.32
CA ASP B 109 -3.59 -29.32 -15.97
C ASP B 109 -3.65 -29.40 -17.49
N ASP B 110 -4.53 -30.23 -18.04
CA ASP B 110 -4.69 -30.39 -19.48
C ASP B 110 -6.00 -29.79 -19.95
N PHE B 111 -6.38 -28.64 -19.39
CA PHE B 111 -7.66 -28.02 -19.69
C PHE B 111 -7.68 -27.48 -21.11
N THR B 112 -8.88 -27.53 -21.71
CA THR B 112 -9.13 -27.01 -23.05
C THR B 112 -10.48 -26.30 -23.00
N GLY B 113 -10.45 -24.99 -22.78
CA GLY B 113 -11.69 -24.24 -22.65
C GLY B 113 -11.40 -22.77 -22.47
N CYS B 114 -12.39 -22.07 -21.90
CA CYS B 114 -12.31 -20.63 -21.74
C CYS B 114 -12.77 -20.24 -20.34
N VAL B 115 -12.30 -19.07 -19.89
CA VAL B 115 -12.72 -18.49 -18.62
C VAL B 115 -13.14 -17.05 -18.88
N ILE B 116 -14.36 -16.70 -18.50
CA ILE B 116 -14.90 -15.36 -18.72
C ILE B 116 -15.39 -14.82 -17.38
N ALA B 117 -14.85 -13.69 -16.96
CA ALA B 117 -15.22 -13.07 -15.69
C ALA B 117 -15.72 -11.66 -15.95
N TRP B 118 -16.81 -11.29 -15.29
CA TRP B 118 -17.31 -9.92 -15.41
C TRP B 118 -17.86 -9.45 -14.07
N ASN B 119 -17.66 -8.16 -13.80
CA ASN B 119 -18.07 -7.57 -12.53
C ASN B 119 -19.59 -7.51 -12.43
N SER B 120 -20.09 -7.72 -11.21
CA SER B 120 -21.52 -7.71 -10.95
C SER B 120 -21.82 -6.99 -9.64
N ASN B 121 -21.18 -5.84 -9.42
CA ASN B 121 -21.45 -5.06 -8.22
C ASN B 121 -22.90 -4.58 -8.18
N LYS B 122 -23.42 -4.12 -9.33
CA LYS B 122 -24.76 -3.56 -9.35
C LYS B 122 -25.81 -4.62 -9.02
N LEU B 123 -25.62 -5.84 -9.49
CA LEU B 123 -26.64 -6.88 -9.38
C LEU B 123 -26.49 -7.71 -8.10
N ASP B 124 -25.26 -8.08 -7.74
CA ASP B 124 -25.01 -9.07 -6.71
C ASP B 124 -24.40 -8.47 -5.45
N SER B 125 -24.85 -7.28 -5.05
CA SER B 125 -24.36 -6.63 -3.85
C SER B 125 -25.48 -5.85 -3.20
N LYS B 126 -25.42 -5.75 -1.87
CA LYS B 126 -26.41 -5.03 -1.08
C LYS B 126 -25.72 -4.12 -0.08
N PRO B 127 -26.34 -2.97 0.24
CA PRO B 127 -25.72 -2.08 1.24
C PRO B 127 -25.51 -2.73 2.59
N SER B 128 -26.45 -3.56 3.04
CA SER B 128 -26.29 -4.25 4.32
C SER B 128 -25.34 -5.43 4.20
N GLY B 129 -25.37 -6.13 3.08
CA GLY B 129 -24.49 -7.26 2.86
C GLY B 129 -25.19 -8.45 2.22
N ASN B 130 -24.53 -9.11 1.28
CA ASN B 130 -25.08 -10.27 0.60
C ASN B 130 -24.40 -11.51 1.15
N TYR B 131 -25.10 -12.23 2.02
CA TYR B 131 -24.50 -13.40 2.68
C TYR B 131 -25.09 -14.67 2.09
N ASN B 132 -25.75 -14.59 0.95
CA ASN B 132 -26.30 -15.77 0.30
C ASN B 132 -25.26 -16.57 -0.48
N TYR B 133 -24.05 -16.04 -0.64
CA TYR B 133 -22.98 -16.72 -1.37
C TYR B 133 -21.99 -17.30 -0.38
N LEU B 134 -21.69 -18.59 -0.53
CA LEU B 134 -20.89 -19.33 0.43
C LEU B 134 -19.69 -19.96 -0.27
N TYR B 135 -18.65 -20.24 0.50
CA TYR B 135 -17.51 -20.98 -0.01
C TYR B 135 -16.83 -21.74 1.12
N ARG B 136 -16.20 -22.85 0.76
CA ARG B 136 -15.54 -23.71 1.71
C ARG B 136 -14.11 -23.23 1.98
N LEU B 137 -13.66 -23.45 3.20
CA LEU B 137 -12.34 -23.00 3.65
C LEU B 137 -11.49 -24.10 4.22
N PHE B 138 -12.08 -25.08 4.90
CA PHE B 138 -11.35 -26.15 5.56
C PHE B 138 -11.81 -27.49 5.03
N ARG B 139 -10.86 -28.37 4.71
CA ARG B 139 -11.18 -29.73 4.33
C ARG B 139 -9.97 -30.61 4.62
N LYS B 140 -10.24 -31.89 4.90
CA LYS B 140 -9.19 -32.84 5.22
C LYS B 140 -8.23 -33.04 4.05
N SER B 141 -8.76 -33.18 2.84
CA SER B 141 -7.95 -33.45 1.66
C SER B 141 -8.36 -32.49 0.54
N LYS B 142 -7.51 -32.41 -0.48
CA LYS B 142 -7.74 -31.51 -1.59
C LYS B 142 -8.74 -32.10 -2.58
N LEU B 143 -9.03 -31.35 -3.64
CA LEU B 143 -10.03 -31.70 -4.63
C LEU B 143 -9.38 -32.28 -5.88
N LYS B 144 -9.88 -33.45 -6.29
CA LYS B 144 -9.58 -33.95 -7.62
C LYS B 144 -10.28 -33.10 -8.66
N PRO B 145 -9.74 -33.05 -9.89
CA PRO B 145 -10.34 -32.18 -10.91
C PRO B 145 -11.77 -32.57 -11.22
N PHE B 146 -12.63 -31.55 -11.34
CA PHE B 146 -14.01 -31.69 -11.82
C PHE B 146 -14.81 -32.69 -11.00
N GLU B 147 -14.95 -32.39 -9.70
CA GLU B 147 -15.85 -33.15 -8.86
C GLU B 147 -16.24 -32.29 -7.66
N ARG B 148 -17.53 -32.29 -7.34
CA ARG B 148 -18.10 -31.39 -6.35
C ARG B 148 -18.08 -32.04 -4.96
N ASP B 149 -18.30 -31.21 -3.95
CA ASP B 149 -18.44 -31.70 -2.57
C ASP B 149 -19.32 -30.70 -1.84
N ILE B 150 -20.58 -31.08 -1.61
CA ILE B 150 -21.50 -30.30 -0.80
C ILE B 150 -21.71 -31.07 0.50
N SER B 151 -21.35 -30.44 1.62
CA SER B 151 -21.41 -31.08 2.93
C SER B 151 -21.46 -30.01 4.00
N THR B 152 -21.89 -30.42 5.19
CA THR B 152 -22.01 -29.52 6.33
C THR B 152 -21.45 -30.12 7.62
N GLU B 153 -20.82 -31.28 7.55
CA GLU B 153 -20.24 -31.89 8.74
C GLU B 153 -19.08 -31.05 9.27
N ILE B 154 -18.95 -31.04 10.59
CA ILE B 154 -17.92 -30.25 11.24
C ILE B 154 -16.55 -30.86 10.95
N TYR B 155 -15.61 -30.01 10.53
CA TYR B 155 -14.28 -30.47 10.16
C TYR B 155 -13.44 -30.63 11.42
N GLN B 156 -12.98 -31.84 11.69
CA GLN B 156 -12.21 -32.11 12.90
C GLN B 156 -10.81 -31.54 12.75
N ALA B 157 -10.41 -30.68 13.69
CA ALA B 157 -9.10 -30.03 13.65
C ALA B 157 -8.18 -30.51 14.75
N GLY B 158 -8.57 -31.52 15.50
CA GLY B 158 -7.78 -32.02 16.61
C GLY B 158 -7.92 -33.51 16.78
N ASN B 159 -7.75 -33.96 18.02
CA ASN B 159 -7.82 -35.41 18.33
C ASN B 159 -8.96 -35.65 19.32
N LYS B 160 -10.00 -34.82 19.31
CA LYS B 160 -11.19 -35.02 20.14
C LYS B 160 -12.43 -34.94 19.27
N PRO B 161 -13.15 -36.04 19.08
CA PRO B 161 -14.36 -36.00 18.25
C PRO B 161 -15.44 -35.14 18.90
N CYS B 162 -16.00 -34.21 18.13
CA CYS B 162 -17.00 -33.28 18.64
C CYS B 162 -18.43 -33.78 18.48
N ASN B 163 -18.64 -34.92 17.81
CA ASN B 163 -19.96 -35.50 17.62
C ASN B 163 -20.92 -34.52 16.95
N GLY B 164 -20.42 -33.81 15.93
CA GLY B 164 -21.24 -32.85 15.22
C GLY B 164 -21.65 -31.64 16.01
N VAL B 165 -20.75 -31.12 16.85
CA VAL B 165 -21.02 -29.92 17.65
C VAL B 165 -19.87 -28.95 17.44
N ALA B 166 -20.21 -27.72 17.06
CA ALA B 166 -19.18 -26.71 16.82
C ALA B 166 -18.56 -26.26 18.14
N GLY B 167 -17.36 -25.70 18.04
CA GLY B 167 -16.65 -25.23 19.20
C GLY B 167 -15.15 -25.25 19.02
N PRO B 168 -14.42 -25.48 20.12
CA PRO B 168 -12.95 -25.49 20.03
C PRO B 168 -12.45 -26.62 19.15
N ASN B 169 -11.57 -26.25 18.22
CA ASN B 169 -10.97 -27.24 17.31
C ASN B 169 -12.08 -28.01 16.60
N CYS B 170 -13.19 -27.37 16.28
CA CYS B 170 -14.26 -28.00 15.50
C CYS B 170 -15.03 -26.87 14.83
N TYR B 171 -14.82 -26.70 13.52
CA TYR B 171 -15.34 -25.54 12.80
C TYR B 171 -16.26 -25.98 11.66
N SER B 172 -17.19 -25.09 11.31
CA SER B 172 -18.04 -25.27 10.13
C SER B 172 -17.23 -24.98 8.87
N PRO B 173 -17.37 -25.81 7.83
CA PRO B 173 -16.51 -25.65 6.65
C PRO B 173 -16.89 -24.51 5.72
N LEU B 174 -18.08 -23.93 5.86
CA LEU B 174 -18.58 -22.94 4.92
C LEU B 174 -18.59 -21.56 5.54
N GLN B 175 -18.12 -20.58 4.76
CA GLN B 175 -18.06 -19.18 5.22
C GLN B 175 -18.71 -18.29 4.16
N SER B 176 -19.44 -17.27 4.57
CA SER B 176 -20.17 -16.38 3.63
C SER B 176 -19.31 -15.18 3.26
N TYR B 177 -19.60 -14.54 2.14
CA TYR B 177 -18.81 -13.46 1.56
C TYR B 177 -19.18 -12.09 2.13
N GLY B 178 -20.46 -11.72 2.07
CA GLY B 178 -20.89 -10.44 2.57
C GLY B 178 -20.52 -9.28 1.66
N PHE B 179 -21.04 -9.27 0.45
CA PHE B 179 -20.69 -8.25 -0.53
C PHE B 179 -21.42 -6.94 -0.23
N ARG B 180 -20.69 -5.84 -0.42
CA ARG B 180 -21.23 -4.50 -0.20
C ARG B 180 -20.78 -3.60 -1.35
N PRO B 181 -21.62 -2.64 -1.76
CA PRO B 181 -21.32 -1.87 -2.97
C PRO B 181 -20.05 -1.06 -2.89
N THR B 182 -19.66 -0.61 -1.71
CA THR B 182 -18.51 0.27 -1.57
C THR B 182 -17.18 -0.48 -1.55
N TYR B 183 -17.19 -1.80 -1.75
CA TYR B 183 -15.95 -2.57 -1.75
C TYR B 183 -15.07 -2.17 -2.93
N GLY B 184 -13.79 -2.50 -2.81
CA GLY B 184 -12.84 -2.24 -3.87
C GLY B 184 -12.97 -3.22 -5.01
N VAL B 185 -12.13 -3.02 -6.03
CA VAL B 185 -12.21 -3.85 -7.22
C VAL B 185 -11.88 -5.30 -6.90
N GLY B 186 -10.89 -5.52 -6.03
CA GLY B 186 -10.51 -6.87 -5.68
C GLY B 186 -11.49 -7.61 -4.80
N HIS B 187 -12.33 -6.88 -4.07
CA HIS B 187 -13.31 -7.48 -3.18
C HIS B 187 -14.73 -7.32 -3.69
N GLN B 188 -14.89 -7.02 -4.94
CA GLN B 188 -16.19 -6.89 -5.55
C GLN B 188 -16.68 -8.22 -6.10
N PRO B 189 -17.99 -8.42 -6.21
CA PRO B 189 -18.50 -9.65 -6.82
C PRO B 189 -18.07 -9.75 -8.28
N TYR B 190 -17.76 -10.98 -8.69
CA TYR B 190 -17.37 -11.25 -10.08
C TYR B 190 -18.01 -12.56 -10.49
N ARG B 191 -18.82 -12.50 -11.55
CA ARG B 191 -19.46 -13.69 -12.11
C ARG B 191 -18.51 -14.34 -13.11
N VAL B 192 -18.29 -15.63 -12.94
CA VAL B 192 -17.33 -16.39 -13.73
C VAL B 192 -18.05 -17.52 -14.44
N VAL B 193 -17.85 -17.61 -15.75
CA VAL B 193 -18.34 -18.72 -16.56
C VAL B 193 -17.13 -19.40 -17.18
N VAL B 194 -16.97 -20.69 -16.93
CA VAL B 194 -15.89 -21.48 -17.49
C VAL B 194 -16.49 -22.48 -18.47
N LEU B 195 -15.87 -22.61 -19.63
CA LEU B 195 -16.30 -23.49 -20.69
C LEU B 195 -15.26 -24.59 -20.88
N SER B 196 -15.71 -25.84 -20.77
CA SER B 196 -14.86 -27.01 -20.93
C SER B 196 -15.29 -27.79 -22.16
N PHE B 197 -14.31 -28.26 -22.91
CA PHE B 197 -14.51 -28.96 -24.16
C PHE B 197 -13.89 -30.36 -24.10
N GLU B 198 -14.54 -31.30 -24.77
CA GLU B 198 -14.07 -32.68 -24.79
C GLU B 198 -14.63 -33.36 -26.03
N LEU B 199 -14.08 -34.53 -26.33
CA LEU B 199 -14.48 -35.30 -27.51
C LEU B 199 -14.84 -36.72 -27.08
N LEU B 200 -15.72 -37.34 -27.87
CA LEU B 200 -16.17 -38.70 -27.61
C LEU B 200 -16.27 -39.44 -28.94
N HIS B 201 -16.39 -40.77 -28.84
CA HIS B 201 -16.47 -41.61 -30.03
C HIS B 201 -17.78 -41.42 -30.80
N ALA B 202 -18.78 -40.77 -30.21
CA ALA B 202 -20.03 -40.53 -30.91
C ALA B 202 -19.81 -39.56 -32.06
N PRO B 203 -20.56 -39.70 -33.15
CA PRO B 203 -20.40 -38.78 -34.28
C PRO B 203 -20.72 -37.34 -33.88
N ALA B 204 -19.97 -36.40 -34.44
CA ALA B 204 -20.16 -34.99 -34.12
C ALA B 204 -21.34 -34.44 -34.91
N THR B 205 -22.29 -33.85 -34.19
CA THR B 205 -23.48 -33.28 -34.83
C THR B 205 -23.73 -31.86 -34.33
N VAL B 206 -23.26 -31.56 -33.11
CA VAL B 206 -23.51 -30.26 -32.48
C VAL B 206 -22.38 -29.34 -32.90
N CYS B 207 -22.52 -28.74 -34.08
CA CYS B 207 -21.60 -27.72 -34.58
C CYS B 207 -22.21 -27.12 -35.85
N GLY B 208 -21.67 -25.97 -36.23
CA GLY B 208 -22.21 -25.22 -37.36
C GLY B 208 -21.82 -25.83 -38.68
N PRO B 209 -22.43 -25.31 -39.76
CA PRO B 209 -22.19 -25.76 -41.13
C PRO B 209 -20.76 -25.50 -41.59
N VAL C 1 3.16 -13.37 -50.71
CA VAL C 1 2.61 -12.62 -49.59
C VAL C 1 3.61 -11.58 -49.10
N GLN C 2 3.13 -10.35 -48.88
CA GLN C 2 3.97 -9.26 -48.41
C GLN C 2 3.18 -8.42 -47.41
N LEU C 3 3.90 -7.86 -46.44
CA LEU C 3 3.34 -6.94 -45.46
C LEU C 3 4.25 -5.74 -45.33
N VAL C 4 3.70 -4.54 -45.50
CA VAL C 4 4.46 -3.30 -45.49
C VAL C 4 3.91 -2.39 -44.40
N GLU C 5 4.80 -1.85 -43.58
CA GLU C 5 4.42 -1.00 -42.47
C GLU C 5 4.68 0.47 -42.80
N SER C 6 3.94 1.34 -42.12
CA SER C 6 4.12 2.77 -42.30
C SER C 6 3.67 3.51 -41.04
N GLY C 7 4.28 4.66 -40.80
CA GLY C 7 3.90 5.50 -39.67
C GLY C 7 5.05 5.85 -38.75
N GLY C 8 6.27 5.49 -39.15
CA GLY C 8 7.42 5.74 -38.31
C GLY C 8 7.74 7.21 -38.20
N GLY C 9 8.31 7.59 -37.06
CA GLY C 9 8.66 8.97 -36.81
C GLY C 9 8.93 9.20 -35.34
N LEU C 10 9.07 10.47 -35.00
CA LEU C 10 9.32 10.91 -33.63
C LEU C 10 8.12 11.70 -33.13
N VAL C 11 7.82 11.55 -31.83
CA VAL C 11 6.69 12.24 -31.22
C VAL C 11 7.08 12.63 -29.80
N GLN C 12 6.59 13.78 -29.35
CA GLN C 12 6.76 14.19 -27.98
C GLN C 12 5.89 13.32 -27.07
N PRO C 13 6.26 13.20 -25.79
CA PRO C 13 5.42 12.43 -24.86
C PRO C 13 4.01 13.00 -24.79
N GLY C 14 3.03 12.11 -24.68
CA GLY C 14 1.64 12.50 -24.70
C GLY C 14 1.04 12.65 -26.09
N GLY C 15 1.80 12.34 -27.13
CA GLY C 15 1.32 12.48 -28.50
C GLY C 15 0.54 11.27 -28.96
N SER C 16 0.21 11.29 -30.25
CA SER C 16 -0.59 10.23 -30.86
C SER C 16 -0.10 9.96 -32.27
N LEU C 17 -0.07 8.69 -32.64
CA LEU C 17 0.26 8.29 -34.01
C LEU C 17 -0.77 7.29 -34.51
N ARG C 18 -0.79 7.12 -35.83
CA ARG C 18 -1.71 6.20 -36.51
C ARG C 18 -0.88 5.36 -37.47
N LEU C 19 -0.36 4.24 -36.96
CA LEU C 19 0.45 3.36 -37.79
C LEU C 19 -0.43 2.45 -38.63
N SER C 20 0.09 2.06 -39.79
CA SER C 20 -0.67 1.29 -40.75
C SER C 20 0.16 0.13 -41.27
N CYS C 21 -0.54 -0.95 -41.63
CA CYS C 21 0.09 -2.12 -42.21
C CYS C 21 -0.76 -2.58 -43.38
N ALA C 22 -0.13 -2.69 -44.56
CA ALA C 22 -0.80 -3.12 -45.77
C ALA C 22 -0.31 -4.52 -46.13
N ALA C 23 -1.25 -5.43 -46.33
CA ALA C 23 -0.95 -6.82 -46.64
C ALA C 23 -1.44 -7.15 -48.04
N SER C 24 -0.66 -7.96 -48.76
CA SER C 24 -1.01 -8.36 -50.11
C SER C 24 -0.59 -9.82 -50.34
N GLY C 25 -1.26 -10.46 -51.28
CA GLY C 25 -0.96 -11.82 -51.66
C GLY C 25 -1.88 -12.88 -51.09
N PHE C 26 -2.91 -12.49 -50.36
CA PHE C 26 -3.82 -13.45 -49.73
C PHE C 26 -5.15 -12.75 -49.47
N THR C 27 -6.03 -13.43 -48.72
CA THR C 27 -7.35 -12.91 -48.40
C THR C 27 -7.34 -12.35 -46.98
N PHE C 28 -7.66 -11.07 -46.85
CA PHE C 28 -7.71 -10.42 -45.54
C PHE C 28 -8.96 -10.79 -44.75
N SER C 29 -10.00 -11.29 -45.42
CA SER C 29 -11.27 -11.55 -44.77
C SER C 29 -11.26 -12.81 -43.91
N SER C 30 -10.21 -13.61 -43.97
CA SER C 30 -10.13 -14.86 -43.22
C SER C 30 -9.11 -14.82 -42.09
N TYR C 31 -7.88 -14.44 -42.37
CA TYR C 31 -6.82 -14.48 -41.37
C TYR C 31 -6.95 -13.31 -40.40
N ASP C 32 -6.26 -13.43 -39.27
CA ASP C 32 -6.28 -12.44 -38.21
C ASP C 32 -4.90 -11.82 -38.05
N MET C 33 -4.88 -10.59 -37.53
CA MET C 33 -3.68 -9.79 -37.49
C MET C 33 -3.26 -9.49 -36.06
N HIS C 34 -1.96 -9.29 -35.89
CA HIS C 34 -1.36 -9.01 -34.59
C HIS C 34 -0.31 -7.92 -34.74
N TRP C 35 -0.19 -7.09 -33.73
CA TRP C 35 0.86 -6.08 -33.63
C TRP C 35 1.81 -6.52 -32.52
N VAL C 36 3.08 -6.68 -32.85
CA VAL C 36 4.10 -7.14 -31.91
C VAL C 36 5.29 -6.18 -31.97
N ARG C 37 5.74 -5.73 -30.80
CA ARG C 37 6.84 -4.77 -30.73
C ARG C 37 8.08 -5.43 -30.16
N GLN C 38 9.24 -4.90 -30.56
CA GLN C 38 10.54 -5.42 -30.13
C GLN C 38 11.40 -4.29 -29.60
N THR C 39 11.95 -4.49 -28.41
CA THR C 39 12.89 -3.57 -27.80
C THR C 39 14.20 -4.31 -27.53
N THR C 40 15.28 -3.54 -27.44
CA THR C 40 16.57 -4.13 -27.13
C THR C 40 16.60 -4.65 -25.71
N GLY C 41 17.01 -5.91 -25.55
CA GLY C 41 17.08 -6.51 -24.23
C GLY C 41 15.82 -7.24 -23.80
N LYS C 42 14.69 -6.52 -23.76
CA LYS C 42 13.44 -7.13 -23.30
C LYS C 42 12.88 -8.13 -24.31
N GLY C 43 13.28 -8.05 -25.57
CA GLY C 43 12.81 -8.99 -26.56
C GLY C 43 11.44 -8.64 -27.12
N LEU C 44 10.93 -9.55 -27.93
CA LEU C 44 9.65 -9.35 -28.60
C LEU C 44 8.51 -9.36 -27.60
N GLU C 45 7.45 -8.59 -27.91
CA GLU C 45 6.31 -8.47 -27.03
C GLU C 45 5.06 -8.22 -27.85
N TRP C 46 4.03 -9.04 -27.62
CA TRP C 46 2.75 -8.88 -28.31
C TRP C 46 2.04 -7.63 -27.81
N VAL C 47 1.46 -6.87 -28.74
CA VAL C 47 0.90 -5.55 -28.45
C VAL C 47 -0.59 -5.49 -28.71
N SER C 48 -1.07 -6.06 -29.81
CA SER C 48 -2.49 -5.99 -30.12
C SER C 48 -2.89 -7.18 -30.97
N THR C 49 -4.18 -7.52 -30.94
CA THR C 49 -4.70 -8.62 -31.74
C THR C 49 -6.09 -8.30 -32.24
N ILE C 50 -6.33 -8.53 -33.54
CA ILE C 50 -7.64 -8.34 -34.15
C ILE C 50 -7.97 -9.59 -34.98
N GLY C 51 -9.24 -9.98 -34.93
CA GLY C 51 -9.69 -11.19 -35.58
C GLY C 51 -10.69 -10.97 -36.69
N THR C 52 -11.46 -12.01 -37.02
CA THR C 52 -12.36 -11.94 -38.17
C THR C 52 -13.59 -11.08 -37.88
N ALA C 53 -14.17 -11.24 -36.70
CA ALA C 53 -15.47 -10.62 -36.38
C ALA C 53 -15.31 -9.66 -35.20
N GLY C 54 -14.95 -8.42 -35.51
CA GLY C 54 -14.99 -7.31 -34.59
C GLY C 54 -14.57 -7.55 -33.15
N ASP C 55 -13.50 -8.31 -32.95
CA ASP C 55 -12.97 -8.56 -31.62
C ASP C 55 -11.54 -8.03 -31.51
N THR C 56 -11.25 -7.38 -30.39
CA THR C 56 -9.95 -6.77 -30.16
C THR C 56 -9.40 -7.22 -28.83
N TYR C 57 -8.10 -7.54 -28.81
CA TYR C 57 -7.45 -8.03 -27.61
C TYR C 57 -6.16 -7.26 -27.37
N TYR C 58 -5.95 -6.87 -26.11
CA TYR C 58 -4.80 -6.09 -25.69
C TYR C 58 -4.19 -6.68 -24.42
N PRO C 59 -2.89 -6.50 -24.20
CA PRO C 59 -2.28 -6.91 -22.94
C PRO C 59 -2.75 -6.06 -21.77
N ASP C 60 -2.26 -6.36 -20.57
CA ASP C 60 -2.59 -5.54 -19.41
C ASP C 60 -1.91 -4.18 -19.48
N SER C 61 -0.71 -4.11 -20.04
CA SER C 61 0.03 -2.85 -20.11
C SER C 61 -0.70 -1.84 -20.97
N VAL C 62 -0.85 -2.13 -22.26
CA VAL C 62 -1.51 -1.21 -23.20
C VAL C 62 -2.99 -1.59 -23.21
N LYS C 63 -3.71 -1.07 -22.22
CA LYS C 63 -5.14 -1.32 -22.07
C LYS C 63 -5.85 0.01 -21.90
N GLY C 64 -6.94 0.20 -22.62
CA GLY C 64 -7.62 1.49 -22.61
C GLY C 64 -6.83 2.60 -23.24
N ARG C 65 -5.81 2.26 -24.04
CA ARG C 65 -4.92 3.23 -24.65
C ARG C 65 -4.70 3.01 -26.14
N PHE C 66 -4.92 1.80 -26.65
CA PHE C 66 -4.78 1.48 -28.06
C PHE C 66 -6.16 1.16 -28.61
N THR C 67 -6.43 1.57 -29.85
CA THR C 67 -7.70 1.29 -30.51
C THR C 67 -7.40 0.70 -31.88
N ILE C 68 -7.21 -0.62 -31.93
CA ILE C 68 -6.90 -1.29 -33.19
C ILE C 68 -8.17 -1.44 -34.00
N SER C 69 -8.09 -1.09 -35.28
CA SER C 69 -9.22 -1.20 -36.19
C SER C 69 -8.70 -1.59 -37.56
N ARG C 70 -9.56 -2.21 -38.36
CA ARG C 70 -9.20 -2.61 -39.71
C ARG C 70 -10.32 -2.25 -40.67
N GLU C 71 -9.94 -1.94 -41.90
CA GLU C 71 -10.87 -1.71 -43.00
C GLU C 71 -10.50 -2.65 -44.14
N ASP C 72 -11.46 -3.44 -44.60
CA ASP C 72 -11.22 -4.40 -45.66
C ASP C 72 -11.38 -3.81 -47.05
N ALA C 73 -11.69 -2.51 -47.14
CA ALA C 73 -11.87 -1.89 -48.46
C ALA C 73 -10.60 -1.94 -49.28
N LYS C 74 -9.45 -1.66 -48.67
CA LYS C 74 -8.17 -1.67 -49.37
C LYS C 74 -7.16 -2.58 -48.70
N ASN C 75 -7.61 -3.47 -47.82
CA ASN C 75 -6.75 -4.42 -47.12
C ASN C 75 -5.65 -3.69 -46.34
N SER C 76 -6.08 -2.91 -45.36
CA SER C 76 -5.17 -2.16 -44.49
C SER C 76 -5.60 -2.31 -43.05
N LEU C 77 -4.63 -2.44 -42.16
CA LEU C 77 -4.87 -2.54 -40.72
C LEU C 77 -4.26 -1.34 -40.03
N TYR C 78 -5.03 -0.71 -39.15
CA TYR C 78 -4.61 0.51 -38.49
C TYR C 78 -4.37 0.25 -37.01
N LEU C 79 -3.54 1.10 -36.40
CA LEU C 79 -3.32 1.05 -34.97
C LEU C 79 -3.07 2.47 -34.48
N GLN C 80 -3.92 2.93 -33.57
CA GLN C 80 -3.85 4.29 -33.04
C GLN C 80 -3.25 4.27 -31.65
N MET C 81 -2.23 5.09 -31.43
CA MET C 81 -1.54 5.16 -30.16
C MET C 81 -1.66 6.57 -29.60
N ASN C 82 -2.07 6.67 -28.33
CA ASN C 82 -2.23 7.93 -27.65
C ASN C 82 -1.58 7.83 -26.27
N SER C 83 -1.22 8.99 -25.72
CA SER C 83 -0.61 9.08 -24.39
C SER C 83 0.64 8.21 -24.31
N LEU C 84 1.48 8.30 -25.33
CA LEU C 84 2.68 7.49 -25.39
C LEU C 84 3.64 7.86 -24.28
N ARG C 85 4.28 6.85 -23.70
CA ARG C 85 5.25 7.02 -22.64
C ARG C 85 6.65 6.75 -23.17
N ALA C 86 7.64 6.76 -22.27
CA ALA C 86 9.01 6.51 -22.66
C ALA C 86 9.27 5.03 -22.94
N GLY C 87 8.42 4.14 -22.45
CA GLY C 87 8.59 2.72 -22.64
C GLY C 87 8.05 2.16 -23.93
N ASP C 88 7.47 3.01 -24.79
CA ASP C 88 6.90 2.56 -26.06
C ASP C 88 7.89 2.61 -27.20
N THR C 89 9.15 2.95 -26.93
CA THR C 89 10.16 2.99 -27.97
C THR C 89 10.54 1.57 -28.38
N ALA C 90 10.26 1.23 -29.63
CA ALA C 90 10.46 -0.14 -30.11
C ALA C 90 10.42 -0.14 -31.63
N VAL C 91 10.53 -1.33 -32.20
CA VAL C 91 10.26 -1.57 -33.62
C VAL C 91 9.01 -2.44 -33.71
N TYR C 92 8.04 -1.98 -34.49
CA TYR C 92 6.71 -2.60 -34.52
C TYR C 92 6.53 -3.43 -35.80
N TYR C 93 6.00 -4.64 -35.63
CA TYR C 93 5.75 -5.55 -36.74
C TYR C 93 4.28 -5.95 -36.73
N CYS C 94 3.74 -6.14 -37.93
CA CYS C 94 2.37 -6.63 -38.10
C CYS C 94 2.43 -8.05 -38.66
N ALA C 95 1.84 -9.01 -37.93
CA ALA C 95 1.97 -10.42 -38.23
C ALA C 95 0.61 -11.06 -38.46
N ARG C 96 0.61 -12.14 -39.24
CA ARG C 96 -0.59 -12.88 -39.58
C ARG C 96 -0.63 -14.20 -38.82
N GLY C 97 -1.79 -14.51 -38.24
CA GLY C 97 -1.96 -15.71 -37.43
C GLY C 97 -2.70 -16.80 -38.19
N ASP C 98 -2.29 -18.04 -37.95
CA ASP C 98 -2.96 -19.19 -38.54
C ASP C 98 -2.74 -20.42 -37.67
N SER C 99 -3.62 -21.40 -37.82
CA SER C 99 -3.60 -22.62 -37.02
C SER C 99 -3.89 -23.82 -37.90
N SER C 100 -3.10 -24.87 -37.73
CA SER C 100 -3.38 -26.17 -38.36
C SER C 100 -4.16 -27.07 -37.40
N GLY C 101 -5.28 -26.55 -36.89
CA GLY C 101 -6.04 -27.26 -35.88
C GLY C 101 -6.08 -26.49 -34.56
N TYR C 102 -5.65 -27.15 -33.48
CA TYR C 102 -5.61 -26.51 -32.18
C TYR C 102 -4.34 -25.69 -31.95
N TYR C 103 -3.37 -25.79 -32.83
CA TYR C 103 -2.05 -25.19 -32.64
C TYR C 103 -1.97 -23.90 -33.46
N TYR C 104 -1.72 -22.79 -32.78
CA TYR C 104 -1.74 -21.46 -33.38
C TYR C 104 -0.32 -20.90 -33.50
N TYR C 105 -0.11 -20.09 -34.54
CA TYR C 105 1.22 -19.54 -34.79
C TYR C 105 1.09 -18.29 -35.64
N PHE C 106 2.19 -17.57 -35.78
CA PHE C 106 2.30 -16.39 -36.64
C PHE C 106 3.07 -16.77 -37.88
N ASP C 107 2.45 -16.56 -39.05
CA ASP C 107 3.05 -17.01 -40.31
C ASP C 107 4.08 -16.02 -40.83
N TYR C 108 3.66 -14.78 -41.10
CA TYR C 108 4.50 -13.80 -41.76
C TYR C 108 4.53 -12.51 -40.96
N TRP C 109 5.69 -11.86 -40.94
CA TRP C 109 5.91 -10.66 -40.15
C TRP C 109 6.08 -9.41 -40.99
N GLY C 110 6.88 -9.47 -42.06
CA GLY C 110 7.05 -8.29 -42.91
C GLY C 110 8.39 -7.61 -42.75
N GLN C 111 8.37 -6.27 -42.63
CA GLN C 111 9.60 -5.49 -42.50
C GLN C 111 9.68 -4.74 -41.19
N GLY C 112 8.65 -3.99 -40.83
CA GLY C 112 8.62 -3.26 -39.57
C GLY C 112 8.96 -1.79 -39.75
N THR C 113 8.63 -1.01 -38.71
CA THR C 113 8.88 0.42 -38.70
C THR C 113 9.31 0.83 -37.30
N LEU C 114 9.94 2.00 -37.21
CA LEU C 114 10.57 2.46 -35.98
C LEU C 114 9.73 3.53 -35.30
N LEU C 115 9.70 3.48 -33.97
CA LEU C 115 9.03 4.49 -33.16
C LEU C 115 9.94 4.88 -32.01
N THR C 116 10.08 6.18 -31.77
CA THR C 116 10.89 6.69 -30.68
C THR C 116 10.21 7.91 -30.08
N VAL C 117 10.48 8.16 -28.81
CA VAL C 117 9.90 9.28 -28.09
C VAL C 117 11.02 10.06 -27.41
N SER C 118 10.76 11.33 -27.15
CA SER C 118 11.74 12.21 -26.52
C SER C 118 11.08 13.18 -25.55
N ASP D 1 1.14 -14.49 -16.49
CA ASP D 1 1.85 -14.86 -17.70
C ASP D 1 2.81 -16.02 -17.44
N ILE D 2 3.14 -16.76 -18.49
CA ILE D 2 4.05 -17.90 -18.40
C ILE D 2 5.42 -17.44 -18.88
N GLU D 3 6.37 -17.46 -17.96
CA GLU D 3 7.73 -17.02 -18.36
C GLU D 3 8.35 -18.11 -19.21
N MET D 4 9.28 -17.72 -20.03
CA MET D 4 10.03 -18.66 -20.85
C MET D 4 11.52 -18.33 -20.75
N THR D 5 12.34 -19.34 -20.52
CA THR D 5 13.78 -19.17 -20.39
C THR D 5 14.48 -20.05 -21.41
N GLN D 6 15.66 -19.60 -21.87
CA GLN D 6 16.42 -20.34 -22.87
C GLN D 6 17.86 -20.53 -22.39
N SER D 7 18.45 -21.64 -22.82
CA SER D 7 19.84 -21.95 -22.55
C SER D 7 20.44 -22.58 -23.80
N PRO D 8 21.74 -22.36 -24.06
CA PRO D 8 22.64 -21.44 -23.35
C PRO D 8 22.47 -20.00 -23.81
N SER D 9 23.05 -19.05 -23.09
CA SER D 9 22.97 -17.65 -23.49
C SER D 9 23.65 -17.42 -24.83
N SER D 10 24.81 -18.05 -25.05
CA SER D 10 25.53 -17.93 -26.30
C SER D 10 26.06 -19.29 -26.71
N LEU D 11 26.22 -19.49 -28.02
CA LEU D 11 26.74 -20.74 -28.55
C LEU D 11 27.62 -20.44 -29.76
N SER D 12 28.78 -21.08 -29.82
CA SER D 12 29.73 -20.88 -30.90
C SER D 12 30.08 -22.22 -31.53
N ALA D 13 30.11 -22.24 -32.86
CA ALA D 13 30.38 -23.49 -33.57
C ALA D 13 30.85 -23.15 -34.98
N ALA D 14 31.42 -24.16 -35.65
CA ALA D 14 31.87 -24.04 -37.01
C ALA D 14 30.85 -24.67 -37.96
N VAL D 15 31.15 -24.61 -39.25
CA VAL D 15 30.24 -25.14 -40.26
C VAL D 15 30.24 -26.67 -40.20
N GLY D 16 29.05 -27.25 -40.13
CA GLY D 16 28.90 -28.70 -40.11
C GLY D 16 28.64 -29.29 -38.74
N ASP D 17 28.79 -28.52 -37.67
CA ASP D 17 28.60 -29.04 -36.33
C ASP D 17 27.11 -29.11 -35.99
N ARG D 18 26.82 -29.74 -34.85
CA ARG D 18 25.46 -29.87 -34.35
C ARG D 18 25.27 -28.99 -33.13
N VAL D 19 24.23 -28.17 -33.14
CA VAL D 19 23.98 -27.21 -32.07
C VAL D 19 22.58 -27.43 -31.52
N THR D 20 22.47 -27.46 -30.19
CA THR D 20 21.19 -27.72 -29.52
C THR D 20 20.93 -26.62 -28.51
N ILE D 21 19.72 -26.07 -28.54
CA ILE D 21 19.28 -25.02 -27.61
C ILE D 21 18.03 -25.50 -26.90
N THR D 22 17.99 -25.31 -25.59
CA THR D 22 16.89 -25.80 -24.77
C THR D 22 16.04 -24.64 -24.26
N CYS D 23 14.74 -24.87 -24.21
CA CYS D 23 13.76 -23.88 -23.76
C CYS D 23 12.97 -24.47 -22.60
N ARG D 24 12.86 -23.72 -21.51
CA ARG D 24 12.21 -24.15 -20.29
C ARG D 24 11.05 -23.23 -19.98
N ALA D 25 9.91 -23.82 -19.60
CA ALA D 25 8.70 -23.10 -19.26
C ALA D 25 8.46 -23.17 -17.75
N SER D 26 7.56 -22.30 -17.28
CA SER D 26 7.23 -22.26 -15.86
C SER D 26 6.10 -23.21 -15.49
N GLN D 27 5.19 -23.49 -16.42
CA GLN D 27 4.09 -24.42 -16.20
C GLN D 27 4.00 -25.37 -17.39
N SER D 28 3.33 -26.50 -17.17
CA SER D 28 3.17 -27.47 -18.24
C SER D 28 2.41 -26.85 -19.40
N ILE D 29 2.92 -27.05 -20.61
CA ILE D 29 2.35 -26.45 -21.81
C ILE D 29 2.02 -27.48 -22.89
N GLY D 30 2.15 -28.77 -22.58
CA GLY D 30 1.82 -29.78 -23.57
C GLY D 30 2.74 -29.69 -24.77
N SER D 31 2.13 -29.60 -25.96
CA SER D 31 2.86 -29.50 -27.21
C SER D 31 2.66 -28.14 -27.87
N TYR D 32 2.38 -27.11 -27.08
CA TYR D 32 2.10 -25.76 -27.59
C TYR D 32 3.36 -24.91 -27.44
N LEU D 33 4.28 -25.05 -28.39
CA LEU D 33 5.44 -24.18 -28.45
C LEU D 33 5.96 -24.16 -29.87
N ASN D 34 6.41 -22.97 -30.29
CA ASN D 34 6.82 -22.73 -31.66
C ASN D 34 8.16 -22.00 -31.68
N TRP D 35 8.86 -22.13 -32.82
CA TRP D 35 10.25 -21.72 -32.97
C TRP D 35 10.39 -20.68 -34.07
N TYR D 36 11.18 -19.63 -33.79
CA TYR D 36 11.36 -18.51 -34.71
C TYR D 36 12.84 -18.19 -34.89
N GLN D 37 13.19 -17.71 -36.09
CA GLN D 37 14.53 -17.30 -36.44
C GLN D 37 14.53 -15.80 -36.74
N GLN D 38 15.57 -15.11 -36.27
CA GLN D 38 15.62 -13.64 -36.29
C GLN D 38 16.89 -13.14 -36.96
N LYS D 39 17.16 -13.62 -38.18
CA LYS D 39 18.29 -13.18 -38.99
C LYS D 39 18.45 -11.66 -38.90
N PRO D 40 19.65 -11.18 -38.57
CA PRO D 40 19.82 -9.73 -38.33
C PRO D 40 19.47 -8.91 -39.56
N GLY D 41 18.84 -7.77 -39.32
CA GLY D 41 18.43 -6.88 -40.39
C GLY D 41 17.12 -7.23 -41.05
N LYS D 42 16.40 -8.23 -40.55
CA LYS D 42 15.14 -8.66 -41.16
C LYS D 42 14.13 -8.94 -40.04
N ALA D 43 13.02 -9.62 -40.40
CA ALA D 43 11.94 -9.94 -39.49
C ALA D 43 11.97 -11.42 -39.12
N PRO D 44 11.46 -11.76 -37.93
CA PRO D 44 11.45 -13.17 -37.51
C PRO D 44 10.64 -14.04 -38.47
N LYS D 45 11.10 -15.28 -38.62
CA LYS D 45 10.48 -16.23 -39.53
C LYS D 45 10.15 -17.52 -38.82
N LEU D 46 8.99 -18.09 -39.13
CA LEU D 46 8.56 -19.33 -38.50
C LEU D 46 9.40 -20.51 -38.98
N LEU D 47 9.81 -21.36 -38.05
CA LEU D 47 10.58 -22.55 -38.37
C LEU D 47 9.83 -23.83 -38.04
N ILE D 48 9.37 -24.01 -36.81
CA ILE D 48 8.74 -25.24 -36.36
C ILE D 48 7.53 -24.90 -35.51
N TYR D 49 6.39 -25.51 -35.81
CA TYR D 49 5.18 -25.38 -35.02
C TYR D 49 4.79 -26.73 -34.43
N ALA D 50 3.93 -26.69 -33.42
CA ALA D 50 3.51 -27.86 -32.64
C ALA D 50 4.68 -28.52 -31.92
N ALA D 51 5.81 -27.80 -31.82
CA ALA D 51 7.01 -28.22 -31.10
C ALA D 51 7.71 -29.40 -31.77
N SER D 52 7.09 -29.98 -32.79
CA SER D 52 7.72 -31.04 -33.56
C SER D 52 7.52 -30.93 -35.07
N SER D 53 6.48 -30.26 -35.55
CA SER D 53 6.15 -30.27 -36.97
C SER D 53 7.06 -29.35 -37.75
N LEU D 54 7.38 -29.76 -38.98
CA LEU D 54 8.31 -29.03 -39.83
C LEU D 54 7.52 -28.10 -40.75
N GLN D 55 7.75 -26.80 -40.62
CA GLN D 55 7.04 -25.83 -41.45
C GLN D 55 7.50 -25.93 -42.90
N SER D 56 6.55 -25.75 -43.82
CA SER D 56 6.86 -25.85 -45.25
C SER D 56 7.76 -24.71 -45.70
N GLY D 57 8.99 -25.03 -46.08
CA GLY D 57 9.92 -24.04 -46.58
C GLY D 57 11.26 -24.04 -45.85
N VAL D 58 11.22 -24.27 -44.55
CA VAL D 58 12.47 -24.31 -43.76
C VAL D 58 13.20 -25.61 -44.07
N PRO D 59 14.54 -25.61 -44.12
CA PRO D 59 15.26 -26.86 -44.35
C PRO D 59 15.04 -27.86 -43.23
N SER D 60 15.17 -29.14 -43.58
CA SER D 60 14.90 -30.23 -42.65
C SER D 60 15.98 -30.38 -41.58
N ARG D 61 17.07 -29.61 -41.67
CA ARG D 61 18.16 -29.72 -40.70
C ARG D 61 17.74 -29.31 -39.30
N PHE D 62 16.61 -28.64 -39.15
CA PHE D 62 16.11 -28.24 -37.85
C PHE D 62 15.14 -29.29 -37.32
N SER D 63 15.29 -29.65 -36.05
CA SER D 63 14.40 -30.63 -35.42
C SER D 63 14.03 -30.15 -34.03
N GLY D 64 12.73 -30.20 -33.71
CA GLY D 64 12.25 -29.84 -32.38
C GLY D 64 11.74 -31.07 -31.66
N SER D 65 12.28 -31.30 -30.47
CA SER D 65 11.93 -32.48 -29.68
C SER D 65 11.58 -32.06 -28.26
N GLY D 66 10.46 -32.56 -27.77
CA GLY D 66 10.09 -32.31 -26.40
C GLY D 66 8.63 -32.58 -26.15
N SER D 67 8.29 -32.69 -24.86
CA SER D 67 6.93 -32.89 -24.42
C SER D 67 6.85 -32.54 -22.94
N GLY D 68 5.86 -31.75 -22.56
CA GLY D 68 5.73 -31.35 -21.18
C GLY D 68 6.18 -29.93 -20.89
N THR D 69 7.37 -29.78 -20.32
CA THR D 69 7.87 -28.47 -19.92
C THR D 69 9.15 -28.06 -20.64
N ASP D 70 10.12 -28.97 -20.77
CA ASP D 70 11.41 -28.64 -21.36
C ASP D 70 11.46 -29.14 -22.79
N PHE D 71 11.83 -28.25 -23.72
CA PHE D 71 11.89 -28.56 -25.15
C PHE D 71 13.29 -28.27 -25.66
N THR D 72 13.63 -28.86 -26.81
CA THR D 72 14.94 -28.67 -27.41
C THR D 72 14.80 -28.46 -28.91
N LEU D 73 15.64 -27.60 -29.46
CA LEU D 73 15.77 -27.40 -30.90
C LEU D 73 17.19 -27.71 -31.31
N THR D 74 17.36 -28.58 -32.30
CA THR D 74 18.66 -29.08 -32.70
C THR D 74 18.86 -28.87 -34.19
N ILE D 75 20.01 -28.32 -34.55
CA ILE D 75 20.47 -28.23 -35.93
C ILE D 75 21.61 -29.23 -36.08
N SER D 76 21.41 -30.24 -36.92
CA SER D 76 22.38 -31.32 -37.06
C SER D 76 23.66 -30.82 -37.73
N SER D 77 23.51 -30.07 -38.81
CA SER D 77 24.65 -29.53 -39.55
C SER D 77 24.52 -28.01 -39.60
N LEU D 78 25.56 -27.31 -39.19
CA LEU D 78 25.56 -25.86 -39.19
C LEU D 78 26.10 -25.33 -40.51
N GLN D 79 25.52 -24.24 -40.99
CA GLN D 79 25.90 -23.59 -42.23
C GLN D 79 26.09 -22.11 -41.99
N PRO D 80 26.85 -21.42 -42.85
CA PRO D 80 27.05 -19.97 -42.64
C PRO D 80 25.76 -19.18 -42.66
N GLU D 81 24.73 -19.66 -43.34
CA GLU D 81 23.44 -18.98 -43.36
C GLU D 81 22.58 -19.35 -42.17
N ASP D 82 23.16 -19.27 -40.97
CA ASP D 82 22.45 -19.60 -39.75
C ASP D 82 22.72 -18.64 -38.60
N PHE D 83 23.59 -17.65 -38.79
CA PHE D 83 23.87 -16.67 -37.74
C PHE D 83 22.64 -15.83 -37.48
N ALA D 84 21.98 -16.06 -36.36
CA ALA D 84 20.72 -15.37 -36.06
C ALA D 84 20.42 -15.54 -34.58
N ILE D 85 19.21 -15.16 -34.20
CA ILE D 85 18.69 -15.35 -32.84
C ILE D 85 17.43 -16.18 -32.94
N TYR D 86 17.34 -17.24 -32.13
CA TYR D 86 16.24 -18.17 -32.15
C TYR D 86 15.37 -17.98 -30.91
N TYR D 87 14.06 -17.96 -31.11
CA TYR D 87 13.11 -17.72 -30.03
C TYR D 87 12.09 -18.84 -29.94
N CYS D 88 11.77 -19.24 -28.71
CA CYS D 88 10.68 -20.16 -28.42
C CYS D 88 9.52 -19.38 -27.83
N GLN D 89 8.31 -19.61 -28.36
CA GLN D 89 7.13 -18.92 -27.88
C GLN D 89 6.01 -19.91 -27.63
N GLN D 90 5.12 -19.56 -26.70
CA GLN D 90 4.06 -20.44 -26.25
C GLN D 90 2.76 -20.20 -27.01
N SER D 91 1.89 -21.21 -26.99
CA SER D 91 0.57 -21.09 -27.59
C SER D 91 -0.53 -21.65 -26.70
N TYR D 92 -0.22 -22.13 -25.50
CA TYR D 92 -1.23 -22.74 -24.65
C TYR D 92 -2.16 -21.70 -24.04
N VAL D 93 -1.62 -20.53 -23.69
CA VAL D 93 -2.40 -19.44 -23.11
C VAL D 93 -2.53 -18.34 -24.15
N SER D 94 -3.78 -17.96 -24.43
CA SER D 94 -4.08 -17.01 -25.48
C SER D 94 -4.98 -15.90 -24.94
N PRO D 95 -4.93 -14.70 -25.54
CA PRO D 95 -4.05 -14.30 -26.65
C PRO D 95 -2.80 -13.54 -26.18
N THR D 96 -2.25 -13.96 -25.04
CA THR D 96 -1.10 -13.28 -24.43
C THR D 96 0.18 -14.06 -24.65
N TYR D 97 0.37 -14.57 -25.86
CA TYR D 97 1.56 -15.37 -26.18
C TYR D 97 2.84 -14.63 -25.83
N THR D 98 3.75 -15.35 -25.17
CA THR D 98 4.97 -14.78 -24.62
C THR D 98 6.18 -15.48 -25.23
N PHE D 99 7.21 -14.70 -25.55
CA PHE D 99 8.42 -15.19 -26.19
C PHE D 99 9.54 -15.39 -25.18
N GLY D 100 10.61 -16.03 -25.64
CA GLY D 100 11.80 -16.19 -24.84
C GLY D 100 12.82 -15.11 -25.12
N PRO D 101 13.92 -15.10 -24.36
CA PRO D 101 14.94 -14.05 -24.54
C PRO D 101 15.82 -14.24 -25.77
N GLY D 102 15.72 -15.37 -26.46
CA GLY D 102 16.51 -15.60 -27.64
C GLY D 102 17.89 -16.14 -27.32
N THR D 103 18.51 -16.75 -28.33
CA THR D 103 19.83 -17.35 -28.18
C THR D 103 20.77 -16.81 -29.24
N LYS D 104 22.05 -16.74 -28.90
CA LYS D 104 23.09 -16.24 -29.78
C LYS D 104 23.85 -17.42 -30.37
N VAL D 105 23.91 -17.49 -31.68
CA VAL D 105 24.64 -18.54 -32.39
C VAL D 105 25.71 -17.85 -33.24
N ASP D 106 26.89 -17.70 -32.67
CA ASP D 106 28.00 -17.04 -33.35
C ASP D 106 28.79 -18.06 -34.15
N ILE D 107 28.85 -17.86 -35.47
CA ILE D 107 29.59 -18.78 -36.35
C ILE D 107 31.05 -18.39 -36.32
N LYS D 108 31.91 -19.33 -35.94
CA LYS D 108 33.35 -19.09 -35.90
C LYS D 108 34.14 -20.38 -36.09
#